data_3M0W
#
_entry.id   3M0W
#
_cell.length_a   54.577
_cell.length_b   102.275
_cell.length_c   117.370
_cell.angle_alpha   90.000
_cell.angle_beta   92.600
_cell.angle_gamma   90.000
#
_symmetry.space_group_name_H-M   'P 1 21 1'
#
loop_
_entity.id
_entity.type
_entity.pdbx_description
1 polymer 'Protein S100-A4'
2 non-polymer 2-chloro-10-[3-(4-methylpiperazin-1-yl)propyl]-10H-phenothiazine
3 non-polymer 'CALCIUM ION'
4 non-polymer '1,4-DIETHYLENE DIOXIDE'
5 water water
#
_entity_poly.entity_id   1
_entity_poly.type   'polypeptide(L)'
_entity_poly.pdbx_seq_one_letter_code
;ACPLEKALDVMVSTFHKYSGKEGDKFKLNKSELKELLTRELPSFLGKRTDEAAFQKLMSNLDSNRDNEVDFQEYCVFLSC
IAMMCNEFFEGFPDKQPRKK
;
_entity_poly.pdbx_strand_id   A,B,C,D,E,F,G,H,I,J
#
# COMPACT_ATOMS: atom_id res chain seq x y z
N ALA A 1 -0.10 -13.77 3.41
CA ALA A 1 -0.75 -14.33 4.64
C ALA A 1 0.19 -15.32 5.34
N CYS A 2 1.35 -15.60 4.73
CA CYS A 2 2.39 -16.38 5.42
C CYS A 2 3.79 -15.77 5.33
N PRO A 3 4.10 -14.84 6.23
CA PRO A 3 5.41 -14.23 6.22
C PRO A 3 6.53 -15.28 6.21
N LEU A 4 6.35 -16.39 6.91
CA LEU A 4 7.42 -17.38 7.01
C LEU A 4 7.67 -18.13 5.71
N GLU A 5 6.63 -18.51 5.01
CA GLU A 5 6.78 -19.18 3.74
C GLU A 5 7.37 -18.18 2.76
N LYS A 6 6.92 -16.92 2.83
CA LYS A 6 7.52 -15.90 1.98
C LYS A 6 9.02 -15.71 2.28
N ALA A 7 9.37 -15.73 3.57
CA ALA A 7 10.74 -15.64 3.98
C ALA A 7 11.58 -16.77 3.38
N LEU A 8 11.09 -18.01 3.43
CA LEU A 8 11.83 -19.10 2.81
C LEU A 8 12.01 -18.84 1.31
N ASP A 9 10.95 -18.34 0.68
CA ASP A 9 11.00 -18.04 -0.72
C ASP A 9 12.14 -17.04 -1.00
N VAL A 10 12.15 -15.97 -0.22
CA VAL A 10 13.17 -14.95 -0.37
C VAL A 10 14.56 -15.55 -0.19
N MET A 11 14.73 -16.45 0.80
CA MET A 11 16.05 -17.05 1.05
C MET A 11 16.57 -17.87 -0.12
N VAL A 12 15.70 -18.73 -0.65
CA VAL A 12 16.00 -19.58 -1.78
C VAL A 12 16.16 -18.79 -3.08
N SER A 13 15.25 -17.88 -3.36
CA SER A 13 15.30 -17.11 -4.59
C SER A 13 16.52 -16.20 -4.64
N THR A 14 16.90 -15.64 -3.50
CA THR A 14 18.00 -14.69 -3.51
C THR A 14 19.29 -15.37 -3.94
N PHE A 15 19.50 -16.59 -3.47
CA PHE A 15 20.65 -17.34 -3.86
C PHE A 15 20.74 -17.40 -5.38
N HIS A 16 19.65 -17.81 -6.01
CA HIS A 16 19.67 -18.04 -7.46
C HIS A 16 19.67 -16.79 -8.31
N LYS A 17 19.30 -15.66 -7.74
CA LYS A 17 19.40 -14.37 -8.39
C LYS A 17 20.85 -14.03 -8.68
N TYR A 18 21.76 -14.50 -7.82
CA TYR A 18 23.18 -14.17 -7.96
C TYR A 18 24.02 -15.31 -8.51
N SER A 19 23.63 -16.54 -8.20
CA SER A 19 24.44 -17.68 -8.56
C SER A 19 24.45 -17.90 -10.06
N GLY A 20 23.32 -17.66 -10.71
CA GLY A 20 23.19 -17.89 -12.15
C GLY A 20 23.75 -16.80 -13.05
N LYS A 21 24.48 -15.85 -12.49
CA LYS A 21 25.00 -14.74 -13.29
C LYS A 21 26.18 -15.18 -14.15
N GLU A 22 27.15 -15.85 -13.53
CA GLU A 22 28.34 -16.33 -14.25
C GLU A 22 28.65 -17.78 -13.87
N GLY A 23 29.46 -18.43 -14.69
CA GLY A 23 29.98 -19.76 -14.38
C GLY A 23 28.89 -20.76 -14.10
N ASP A 24 29.13 -21.64 -13.14
CA ASP A 24 28.11 -22.56 -12.67
C ASP A 24 26.88 -21.77 -12.20
N LYS A 25 25.72 -22.07 -12.79
CA LYS A 25 24.48 -21.38 -12.48
C LYS A 25 24.00 -21.65 -11.04
N PHE A 26 24.45 -22.75 -10.48
CA PHE A 26 23.94 -23.17 -9.19
C PHE A 26 24.96 -22.99 -8.07
N LYS A 27 25.96 -22.15 -8.30
CA LYS A 27 26.98 -21.91 -7.29
C LYS A 27 27.44 -20.46 -7.29
N LEU A 28 27.83 -19.94 -6.13
CA LEU A 28 28.29 -18.56 -6.01
C LEU A 28 29.80 -18.47 -6.07
N ASN A 29 30.33 -17.75 -7.05
CA ASN A 29 31.77 -17.49 -7.08
C ASN A 29 32.08 -16.23 -6.28
N LYS A 30 33.35 -15.99 -6.00
CA LYS A 30 33.76 -14.86 -5.17
C LYS A 30 33.06 -13.56 -5.53
N SER A 31 32.91 -13.33 -6.83
CA SER A 31 32.30 -12.10 -7.30
C SER A 31 30.79 -12.08 -7.02
N GLU A 32 30.12 -13.19 -7.30
CA GLU A 32 28.68 -13.27 -7.09
C GLU A 32 28.37 -13.17 -5.60
N LEU A 33 29.23 -13.78 -4.79
CA LEU A 33 29.03 -13.78 -3.35
C LEU A 33 29.23 -12.38 -2.81
N LYS A 34 30.17 -11.66 -3.41
CA LYS A 34 30.39 -10.28 -3.04
C LYS A 34 29.15 -9.45 -3.31
N GLU A 35 28.56 -9.62 -4.49
CA GLU A 35 27.34 -8.89 -4.84
C GLU A 35 26.21 -9.18 -3.85
N LEU A 36 25.94 -10.47 -3.60
CA LEU A 36 24.84 -10.87 -2.73
C LEU A 36 24.99 -10.30 -1.33
N LEU A 37 26.18 -10.45 -0.75
CA LEU A 37 26.40 -9.92 0.58
C LEU A 37 26.22 -8.41 0.61
N THR A 38 26.77 -7.72 -0.39
CA THR A 38 26.74 -6.26 -0.40
C THR A 38 25.31 -5.74 -0.55
N ARG A 39 24.59 -6.32 -1.50
CA ARG A 39 23.25 -5.84 -1.82
C ARG A 39 22.18 -6.41 -0.89
N GLU A 40 22.39 -7.62 -0.40
CA GLU A 40 21.31 -8.32 0.31
C GLU A 40 21.51 -8.44 1.83
N LEU A 41 22.76 -8.41 2.28
CA LEU A 41 23.05 -8.48 3.72
C LEU A 41 24.01 -7.39 4.13
N PRO A 42 23.65 -6.13 3.89
CA PRO A 42 24.57 -5.05 4.21
C PRO A 42 24.83 -4.91 5.71
N SER A 43 23.92 -5.41 6.53
CA SER A 43 24.09 -5.33 7.98
C SER A 43 25.15 -6.29 8.49
N PHE A 44 25.33 -7.38 7.78
CA PHE A 44 26.31 -8.36 8.18
C PHE A 44 27.72 -7.90 7.86
N LEU A 45 27.93 -7.39 6.65
CA LEU A 45 29.27 -6.95 6.23
C LEU A 45 29.61 -5.52 6.53
N GLY A 46 28.79 -4.59 6.08
CA GLY A 46 29.13 -3.17 6.14
C GLY A 46 30.08 -2.79 5.02
N LYS A 47 30.14 -1.49 4.71
CA LYS A 47 30.80 -0.97 3.51
C LYS A 47 32.32 -1.15 3.46
N ARG A 48 32.83 -1.26 2.23
CA ARG A 48 34.26 -1.20 1.91
C ARG A 48 35.18 -2.13 2.72
N THR A 49 34.64 -3.22 3.26
CA THR A 49 35.45 -4.20 3.97
C THR A 49 36.55 -4.71 3.06
N ASP A 50 37.78 -4.70 3.56
CA ASP A 50 38.95 -5.05 2.77
C ASP A 50 38.89 -6.48 2.21
N GLU A 51 39.28 -6.63 0.95
CA GLU A 51 39.25 -7.90 0.25
C GLU A 51 39.68 -9.11 1.08
N ALA A 52 40.53 -8.86 2.08
CA ALA A 52 41.04 -9.91 2.96
C ALA A 52 39.94 -10.50 3.84
N ALA A 53 39.08 -9.63 4.38
CA ALA A 53 37.93 -10.08 5.17
C ALA A 53 36.93 -10.87 4.34
N PHE A 54 36.80 -10.49 3.07
CA PHE A 54 35.97 -11.23 2.11
C PHE A 54 36.53 -12.63 1.88
N GLN A 55 37.84 -12.70 1.70
CA GLN A 55 38.52 -13.97 1.46
C GLN A 55 38.35 -14.91 2.65
N LYS A 56 38.43 -14.35 3.86
CA LYS A 56 38.27 -15.16 5.07
C LYS A 56 36.84 -15.70 5.16
N LEU A 57 35.89 -14.88 4.74
CA LEU A 57 34.51 -15.28 4.69
C LEU A 57 34.34 -16.36 3.64
N MET A 58 34.78 -16.07 2.42
CA MET A 58 34.66 -17.02 1.32
C MET A 58 35.24 -18.37 1.69
N SER A 59 36.30 -18.34 2.47
CA SER A 59 36.99 -19.54 2.91
C SER A 59 36.14 -20.31 3.91
N ASN A 60 35.59 -19.59 4.89
CA ASN A 60 34.73 -20.20 5.90
C ASN A 60 33.48 -20.90 5.34
N LEU A 61 32.86 -20.29 4.33
CA LEU A 61 31.60 -20.83 3.79
C LEU A 61 31.86 -22.00 2.86
N ASP A 62 32.97 -21.96 2.14
CA ASP A 62 33.27 -23.01 1.18
C ASP A 62 33.87 -24.22 1.87
N SER A 63 33.04 -24.99 2.55
CA SER A 63 33.53 -26.10 3.37
C SER A 63 34.08 -27.29 2.57
N ASN A 64 33.59 -27.48 1.34
CA ASN A 64 34.10 -28.54 0.47
C ASN A 64 35.22 -28.05 -0.43
N ARG A 65 35.65 -26.81 -0.22
CA ARG A 65 36.86 -26.27 -0.83
C ARG A 65 36.93 -26.33 -2.36
N ASP A 66 35.80 -26.09 -3.02
CA ASP A 66 35.81 -26.07 -4.48
C ASP A 66 35.85 -24.65 -5.04
N ASN A 67 36.10 -23.69 -4.15
CA ASN A 67 36.28 -22.28 -4.51
C ASN A 67 34.98 -21.53 -4.80
N GLU A 68 33.83 -22.18 -4.55
CA GLU A 68 32.54 -21.56 -4.73
C GLU A 68 31.57 -21.99 -3.64
N VAL A 69 30.48 -21.24 -3.49
CA VAL A 69 29.45 -21.50 -2.48
C VAL A 69 28.17 -22.05 -3.09
N ASP A 70 27.85 -23.29 -2.77
CA ASP A 70 26.63 -23.93 -3.28
C ASP A 70 25.48 -23.67 -2.35
N PHE A 71 24.32 -24.16 -2.70
CA PHE A 71 23.15 -23.82 -1.90
C PHE A 71 23.23 -24.37 -0.49
N GLN A 72 23.87 -25.50 -0.32
CA GLN A 72 23.92 -26.13 0.98
C GLN A 72 24.80 -25.32 1.90
N GLU A 73 25.91 -24.84 1.36
CA GLU A 73 26.83 -24.00 2.12
C GLU A 73 26.18 -22.66 2.46
N TYR A 74 25.36 -22.18 1.53
CA TYR A 74 24.63 -20.95 1.71
C TYR A 74 23.64 -21.03 2.87
N CYS A 75 22.94 -22.16 2.99
CA CYS A 75 22.00 -22.39 4.09
C CYS A 75 22.70 -22.38 5.43
N VAL A 76 23.82 -23.09 5.51
CA VAL A 76 24.60 -23.13 6.73
C VAL A 76 24.96 -21.71 7.13
N PHE A 77 25.45 -20.93 6.17
CA PHE A 77 25.75 -19.53 6.42
C PHE A 77 24.53 -18.78 6.98
N LEU A 78 23.37 -18.93 6.36
CA LEU A 78 22.17 -18.23 6.86
C LEU A 78 21.79 -18.70 8.27
N SER A 79 21.83 -20.01 8.49
CA SER A 79 21.58 -20.58 9.80
C SER A 79 22.46 -19.93 10.83
N CYS A 80 23.72 -19.73 10.45
CA CYS A 80 24.70 -19.13 11.34
C CYS A 80 24.27 -17.71 11.73
N ILE A 81 23.83 -16.94 10.74
CA ILE A 81 23.31 -15.61 11.03
C ILE A 81 22.08 -15.69 11.95
N ALA A 82 21.12 -16.55 11.59
CA ALA A 82 19.96 -16.80 12.43
C ALA A 82 20.36 -17.08 13.87
N MET A 83 21.32 -18.00 14.04
CA MET A 83 21.84 -18.35 15.36
C MET A 83 22.20 -17.11 16.15
N MET A 84 22.89 -16.18 15.47
CA MET A 84 23.34 -14.98 16.14
C MET A 84 22.18 -14.11 16.58
N CYS A 85 21.21 -13.95 15.69
CA CYS A 85 20.00 -13.21 16.01
C CYS A 85 19.29 -13.84 17.20
N ASN A 86 19.27 -15.17 17.24
CA ASN A 86 18.58 -15.89 18.28
C ASN A 86 19.15 -15.58 19.66
N GLU A 87 20.46 -15.38 19.72
CA GLU A 87 21.12 -15.01 20.97
C GLU A 87 20.51 -13.77 21.60
N PHE A 88 20.05 -12.84 20.78
CA PHE A 88 19.38 -11.65 21.27
C PHE A 88 18.14 -11.98 22.10
N PHE A 89 17.38 -12.97 21.66
CA PHE A 89 16.13 -13.34 22.32
C PHE A 89 16.42 -14.16 23.55
N GLU A 90 17.36 -15.08 23.41
CA GLU A 90 17.87 -15.86 24.53
C GLU A 90 18.67 -15.00 25.49
N ALA B 1 15.70 -1.12 1.97
CA ALA B 1 14.96 -2.41 2.19
C ALA B 1 15.80 -3.62 1.80
N CYS B 2 15.85 -4.60 2.70
CA CYS B 2 16.57 -5.84 2.44
C CYS B 2 15.65 -7.01 2.67
N PRO B 3 15.06 -7.51 1.60
CA PRO B 3 14.18 -8.65 1.76
C PRO B 3 14.87 -9.77 2.54
N LEU B 4 16.13 -10.06 2.22
CA LEU B 4 16.82 -11.19 2.86
C LEU B 4 17.04 -11.00 4.35
N GLU B 5 17.44 -9.81 4.77
CA GLU B 5 17.61 -9.54 6.19
C GLU B 5 16.28 -9.57 6.90
N LYS B 6 15.22 -9.14 6.22
CA LYS B 6 13.90 -9.24 6.81
C LYS B 6 13.42 -10.69 6.87
N ALA B 7 13.79 -11.48 5.87
CA ALA B 7 13.47 -12.89 5.87
C ALA B 7 14.10 -13.62 7.07
N LEU B 8 15.36 -13.31 7.36
CA LEU B 8 16.00 -13.87 8.51
C LEU B 8 15.26 -13.46 9.78
N ASP B 9 14.88 -12.19 9.87
CA ASP B 9 14.10 -11.68 11.00
C ASP B 9 12.81 -12.48 11.17
N VAL B 10 12.10 -12.71 10.08
CA VAL B 10 10.84 -13.41 10.18
C VAL B 10 11.06 -14.83 10.68
N MET B 11 12.17 -15.44 10.26
CA MET B 11 12.46 -16.82 10.60
C MET B 11 12.73 -16.99 12.07
N VAL B 12 13.45 -16.03 12.63
CA VAL B 12 13.82 -16.07 14.03
C VAL B 12 12.68 -15.63 14.89
N SER B 13 11.97 -14.59 14.45
CA SER B 13 10.87 -14.06 15.24
C SER B 13 9.71 -15.02 15.34
N THR B 14 9.45 -15.74 14.26
CA THR B 14 8.31 -16.64 14.22
C THR B 14 8.53 -17.76 15.22
N PHE B 15 9.78 -18.17 15.39
CA PHE B 15 10.07 -19.26 16.31
C PHE B 15 9.64 -18.87 17.70
N HIS B 16 10.06 -17.69 18.12
CA HIS B 16 9.82 -17.21 19.45
C HIS B 16 8.36 -16.82 19.72
N LYS B 17 7.63 -16.46 18.67
CA LYS B 17 6.22 -16.14 18.81
C LYS B 17 5.43 -17.34 19.32
N TYR B 18 5.91 -18.55 19.05
CA TYR B 18 5.18 -19.74 19.43
C TYR B 18 5.83 -20.51 20.58
N SER B 19 7.14 -20.37 20.70
CA SER B 19 7.91 -21.12 21.67
C SER B 19 7.70 -20.60 23.09
N GLY B 20 7.38 -19.32 23.20
CA GLY B 20 7.25 -18.67 24.49
C GLY B 20 5.85 -18.72 25.02
N LYS B 21 5.00 -19.54 24.41
CA LYS B 21 3.60 -19.60 24.84
C LYS B 21 3.41 -20.42 26.12
N GLU B 22 3.95 -21.63 26.14
CA GLU B 22 3.89 -22.46 27.32
C GLU B 22 5.24 -23.11 27.58
N GLY B 23 5.43 -23.61 28.80
CA GLY B 23 6.60 -24.42 29.12
C GLY B 23 7.89 -23.67 28.96
N ASP B 24 8.91 -24.36 28.47
CA ASP B 24 10.17 -23.71 28.09
C ASP B 24 9.94 -22.64 27.05
N LYS B 25 10.34 -21.41 27.38
CA LYS B 25 10.05 -20.27 26.53
C LYS B 25 10.87 -20.30 25.25
N PHE B 26 11.91 -21.13 25.22
CA PHE B 26 12.82 -21.19 24.08
C PHE B 26 12.75 -22.50 23.31
N LYS B 27 11.70 -23.28 23.56
CA LYS B 27 11.51 -24.54 22.85
C LYS B 27 10.05 -24.72 22.49
N LEU B 28 9.80 -25.52 21.46
CA LEU B 28 8.46 -25.75 20.95
C LEU B 28 7.94 -27.10 21.39
N ASN B 29 6.84 -27.12 22.12
CA ASN B 29 6.26 -28.40 22.49
C ASN B 29 5.32 -28.87 21.38
N LYS B 30 4.82 -30.09 21.48
CA LYS B 30 3.93 -30.64 20.44
C LYS B 30 2.90 -29.59 20.06
N SER B 31 2.27 -29.01 21.06
CA SER B 31 1.18 -28.07 20.85
C SER B 31 1.63 -26.80 20.11
N GLU B 32 2.69 -26.18 20.61
CA GLU B 32 3.22 -24.98 19.99
C GLU B 32 3.73 -25.24 18.58
N LEU B 33 4.41 -26.36 18.39
CA LEU B 33 4.80 -26.77 17.05
C LEU B 33 3.60 -26.91 16.12
N LYS B 34 2.49 -27.45 16.62
CA LYS B 34 1.27 -27.59 15.84
C LYS B 34 0.68 -26.24 15.41
N GLU B 35 0.67 -25.26 16.31
CA GLU B 35 0.22 -23.94 15.93
C GLU B 35 1.10 -23.34 14.85
N LEU B 36 2.42 -23.39 15.03
CA LEU B 36 3.36 -22.76 14.10
C LEU B 36 3.23 -23.33 12.69
N LEU B 37 3.17 -24.65 12.58
CA LEU B 37 3.03 -25.29 11.29
C LEU B 37 1.71 -24.89 10.66
N THR B 38 0.64 -24.97 11.43
CA THR B 38 -0.70 -24.68 10.93
C THR B 38 -0.86 -23.23 10.48
N ARG B 39 -0.36 -22.29 11.28
CA ARG B 39 -0.55 -20.87 10.97
C ARG B 39 0.53 -20.31 10.08
N GLU B 40 1.71 -20.90 10.10
CA GLU B 40 2.85 -20.27 9.45
C GLU B 40 3.40 -21.03 8.26
N LEU B 41 3.14 -22.33 8.22
CA LEU B 41 3.65 -23.19 7.15
C LEU B 41 2.53 -24.09 6.60
N PRO B 42 1.37 -23.49 6.30
CA PRO B 42 0.26 -24.32 5.89
C PRO B 42 0.58 -25.12 4.65
N SER B 43 1.44 -24.59 3.80
CA SER B 43 1.75 -25.23 2.52
C SER B 43 2.47 -26.56 2.70
N PHE B 44 3.28 -26.61 3.74
CA PHE B 44 4.10 -27.77 4.02
C PHE B 44 3.29 -28.91 4.60
N LEU B 45 2.36 -28.58 5.49
CA LEU B 45 1.54 -29.59 6.13
C LEU B 45 0.62 -30.23 5.07
N THR B 49 -4.49 -33.73 7.81
CA THR B 49 -3.42 -33.77 8.80
C THR B 49 -3.84 -34.48 10.08
N ASP B 50 -3.55 -35.78 10.14
CA ASP B 50 -3.86 -36.57 11.33
C ASP B 50 -2.77 -36.46 12.39
N GLU B 51 -3.11 -36.80 13.63
CA GLU B 51 -2.19 -36.71 14.75
C GLU B 51 -0.96 -37.61 14.57
N ALA B 52 -1.12 -38.69 13.81
CA ALA B 52 -0.02 -39.61 13.55
C ALA B 52 1.08 -38.99 12.69
N ALA B 53 0.67 -38.31 11.63
CA ALA B 53 1.61 -37.61 10.76
C ALA B 53 2.34 -36.50 11.51
N PHE B 54 1.63 -35.85 12.44
CA PHE B 54 2.24 -34.86 13.33
C PHE B 54 3.33 -35.45 14.23
N GLN B 55 3.01 -36.61 14.81
CA GLN B 55 3.92 -37.33 15.69
C GLN B 55 5.15 -37.77 14.91
N LYS B 56 4.95 -38.28 13.70
CA LYS B 56 6.04 -38.65 12.82
C LYS B 56 6.96 -37.43 12.56
N LEU B 57 6.34 -36.26 12.48
CA LEU B 57 7.05 -35.03 12.18
C LEU B 57 7.78 -34.52 13.41
N MET B 58 7.07 -34.44 14.53
CA MET B 58 7.66 -34.06 15.81
C MET B 58 8.85 -34.97 16.14
N SER B 59 8.71 -36.24 15.82
CA SER B 59 9.75 -37.21 16.04
C SER B 59 10.98 -36.89 15.19
N ASN B 60 10.78 -36.62 13.92
CA ASN B 60 11.88 -36.28 13.04
C ASN B 60 12.65 -35.04 13.46
N LEU B 61 11.91 -34.01 13.87
CA LEU B 61 12.49 -32.71 14.18
C LEU B 61 13.27 -32.68 15.47
N ASP B 62 12.81 -33.47 16.43
CA ASP B 62 13.42 -33.54 17.75
C ASP B 62 14.52 -34.57 17.71
N SER B 63 15.68 -34.18 17.19
CA SER B 63 16.78 -35.09 16.98
C SER B 63 17.52 -35.45 18.27
N ASN B 64 17.47 -34.57 19.27
CA ASN B 64 18.08 -34.83 20.57
C ASN B 64 17.11 -35.49 21.55
N ARG B 65 15.91 -35.79 21.06
CA ARG B 65 14.91 -36.59 21.80
C ARG B 65 14.51 -36.09 23.18
N ASP B 66 14.38 -34.78 23.34
CA ASP B 66 13.91 -34.18 24.59
C ASP B 66 12.42 -33.76 24.52
N ASN B 67 11.71 -34.28 23.53
CA ASN B 67 10.27 -34.04 23.34
C ASN B 67 9.86 -32.64 22.93
N GLU B 68 10.84 -31.80 22.63
CA GLU B 68 10.56 -30.44 22.17
C GLU B 68 11.52 -30.05 21.06
N VAL B 69 11.15 -29.03 20.30
CA VAL B 69 11.94 -28.53 19.21
C VAL B 69 12.63 -27.23 19.62
N ASP B 70 13.96 -27.26 19.72
CA ASP B 70 14.74 -26.07 20.00
C ASP B 70 15.06 -25.29 18.72
N PHE B 71 15.55 -24.06 18.87
CA PHE B 71 15.82 -23.23 17.72
C PHE B 71 16.74 -23.89 16.67
N GLN B 72 17.75 -24.61 17.14
CA GLN B 72 18.67 -25.29 16.29
C GLN B 72 18.00 -26.40 15.50
N GLU B 73 17.15 -27.17 16.15
CA GLU B 73 16.36 -28.19 15.48
C GLU B 73 15.42 -27.52 14.47
N TYR B 74 14.93 -26.34 14.81
CA TYR B 74 14.04 -25.56 13.95
C TYR B 74 14.75 -25.14 12.67
N CYS B 75 15.98 -24.60 12.81
CA CYS B 75 16.79 -24.19 11.65
C CYS B 75 17.05 -25.33 10.68
N VAL B 76 17.38 -26.49 11.19
CA VAL B 76 17.54 -27.69 10.38
C VAL B 76 16.28 -27.98 9.59
N PHE B 77 15.14 -27.90 10.27
CA PHE B 77 13.86 -28.08 9.63
C PHE B 77 13.64 -27.10 8.49
N LEU B 78 13.91 -25.82 8.72
CA LEU B 78 13.71 -24.80 7.70
C LEU B 78 14.65 -25.01 6.52
N SER B 79 15.90 -25.33 6.81
CA SER B 79 16.87 -25.66 5.77
C SER B 79 16.38 -26.81 4.94
N CYS B 80 15.80 -27.79 5.58
CA CYS B 80 15.29 -28.93 4.88
C CYS B 80 14.23 -28.52 3.86
N ILE B 81 13.34 -27.61 4.26
CA ILE B 81 12.37 -27.03 3.37
C ILE B 81 13.05 -26.26 2.23
N ALA B 82 14.03 -25.44 2.57
CA ALA B 82 14.77 -24.68 1.58
C ALA B 82 15.43 -25.62 0.55
N MET B 83 16.09 -26.66 1.03
CA MET B 83 16.62 -27.72 0.20
C MET B 83 15.61 -28.16 -0.84
N MET B 84 14.42 -28.46 -0.37
CA MET B 84 13.30 -28.90 -1.17
C MET B 84 13.02 -27.87 -2.29
N CYS B 85 12.85 -26.61 -1.88
CA CYS B 85 12.61 -25.51 -2.80
C CYS B 85 13.69 -25.42 -3.85
N ASN B 86 14.93 -25.58 -3.41
CA ASN B 86 16.08 -25.47 -4.28
C ASN B 86 16.04 -26.46 -5.43
N GLU B 87 15.51 -27.65 -5.18
CA GLU B 87 15.35 -28.66 -6.22
C GLU B 87 14.57 -28.11 -7.42
N PHE B 88 13.58 -27.27 -7.16
CA PHE B 88 12.82 -26.68 -8.25
C PHE B 88 13.73 -25.91 -9.21
N PHE B 89 14.63 -25.09 -8.67
CA PHE B 89 15.50 -24.26 -9.49
C PHE B 89 16.49 -25.05 -10.35
N GLU B 90 16.90 -26.21 -9.86
CA GLU B 90 17.78 -27.09 -10.62
C GLU B 90 17.04 -28.07 -11.54
N GLY B 91 15.83 -27.73 -11.96
CA GLY B 91 15.04 -28.56 -12.85
C GLY B 91 14.70 -29.96 -12.34
N PHE B 92 14.85 -30.14 -11.04
CA PHE B 92 14.60 -31.45 -10.40
C PHE B 92 15.56 -32.50 -10.93
N PRO B 93 16.87 -32.34 -10.64
CA PRO B 93 17.92 -33.23 -11.15
C PRO B 93 17.78 -34.67 -10.64
N CYS C 2 10.40 11.91 5.86
CA CYS C 2 11.63 11.78 6.69
C CYS C 2 11.47 10.71 7.76
N PRO C 3 11.98 9.51 7.49
CA PRO C 3 11.86 8.44 8.48
C PRO C 3 12.33 8.93 9.84
N LEU C 4 13.44 9.65 9.87
CA LEU C 4 14.02 10.07 11.16
C LEU C 4 13.11 11.02 11.93
N GLU C 5 12.58 12.04 11.25
CA GLU C 5 11.66 12.97 11.91
C GLU C 5 10.42 12.24 12.38
N LYS C 6 9.93 11.30 11.57
CA LYS C 6 8.77 10.53 11.96
C LYS C 6 9.11 9.63 13.13
N ALA C 7 10.37 9.23 13.23
CA ALA C 7 10.79 8.33 14.30
C ALA C 7 10.76 9.07 15.64
N LEU C 8 11.25 10.31 15.61
CA LEU C 8 11.18 11.17 16.79
C LEU C 8 9.72 11.37 17.18
N ASP C 9 8.87 11.62 16.20
CA ASP C 9 7.45 11.77 16.44
C ASP C 9 6.88 10.55 17.17
N VAL C 10 7.23 9.37 16.69
CA VAL C 10 6.69 8.16 17.28
C VAL C 10 7.18 8.01 18.72
N MET C 11 8.43 8.38 18.97
CA MET C 11 9.00 8.26 20.30
C MET C 11 8.29 9.15 21.29
N VAL C 12 8.04 10.39 20.90
CA VAL C 12 7.43 11.39 21.76
C VAL C 12 5.94 11.13 21.97
N SER C 13 5.26 10.79 20.89
CA SER C 13 3.83 10.53 20.94
C SER C 13 3.48 9.28 21.74
N THR C 14 4.28 8.24 21.58
CA THR C 14 4.06 7.00 22.31
C THR C 14 4.05 7.23 23.83
N PHE C 15 5.01 8.01 24.30
CA PHE C 15 5.08 8.31 25.73
C PHE C 15 3.74 8.86 26.22
N HIS C 16 3.21 9.84 25.48
CA HIS C 16 1.98 10.52 25.88
C HIS C 16 0.71 9.71 25.68
N LYS C 17 0.77 8.73 24.79
CA LYS C 17 -0.33 7.81 24.60
C LYS C 17 -0.62 7.03 25.88
N TYR C 18 0.40 6.82 26.70
CA TYR C 18 0.27 5.97 27.88
C TYR C 18 0.33 6.74 29.18
N SER C 19 1.06 7.84 29.18
CA SER C 19 1.25 8.65 30.37
C SER C 19 -0.02 9.37 30.79
N GLY C 20 -0.85 9.71 29.82
CA GLY C 20 -2.06 10.48 30.08
C GLY C 20 -3.27 9.65 30.45
N LYS C 21 -3.07 8.35 30.63
CA LYS C 21 -4.18 7.47 30.98
C LYS C 21 -4.69 7.66 32.41
N GLU C 22 -3.78 7.61 33.38
CA GLU C 22 -4.15 7.81 34.79
C GLU C 22 -3.21 8.77 35.51
N GLY C 23 -3.65 9.26 36.65
CA GLY C 23 -2.80 10.10 37.51
C GLY C 23 -2.20 11.27 36.78
N ASP C 24 -0.94 11.56 37.09
CA ASP C 24 -0.21 12.62 36.40
C ASP C 24 -0.24 12.32 34.90
N LYS C 25 -0.71 13.29 34.12
CA LYS C 25 -0.87 13.09 32.69
C LYS C 25 0.46 13.04 31.95
N PHE C 26 1.51 13.57 32.58
CA PHE C 26 2.82 13.66 31.94
C PHE C 26 3.87 12.73 32.55
N LYS C 27 3.41 11.67 33.21
CA LYS C 27 4.31 10.71 33.86
C LYS C 27 3.73 9.30 33.85
N LEU C 28 4.61 8.31 33.68
CA LEU C 28 4.20 6.92 33.60
C LEU C 28 4.27 6.27 34.97
N ASN C 29 3.13 5.78 35.46
CA ASN C 29 3.12 4.99 36.66
C ASN C 29 3.42 3.53 36.31
N LYS C 30 3.64 2.70 37.32
CA LYS C 30 4.00 1.30 37.10
C LYS C 30 3.07 0.65 36.08
N SER C 31 1.77 0.88 36.23
CA SER C 31 0.78 0.27 35.36
C SER C 31 0.91 0.73 33.91
N GLU C 32 1.04 2.04 33.71
CA GLU C 32 1.17 2.60 32.38
C GLU C 32 2.48 2.18 31.74
N LEU C 33 3.55 2.15 32.53
CA LEU C 33 4.84 1.71 32.01
C LEU C 33 4.72 0.28 31.52
N LYS C 34 4.03 -0.55 32.30
CA LYS C 34 3.77 -1.93 31.94
C LYS C 34 3.08 -2.04 30.58
N GLU C 35 2.05 -1.24 30.37
CA GLU C 35 1.36 -1.26 29.08
C GLU C 35 2.30 -0.89 27.94
N LEU C 36 2.98 0.25 28.07
CA LEU C 36 3.88 0.73 27.04
C LEU C 36 4.92 -0.31 26.65
N LEU C 37 5.61 -0.86 27.65
CA LEU C 37 6.63 -1.87 27.37
C LEU C 37 6.03 -3.09 26.68
N THR C 38 4.89 -3.55 27.18
CA THR C 38 4.24 -4.74 26.64
C THR C 38 3.76 -4.54 25.20
N ARG C 39 3.09 -3.42 24.93
CA ARG C 39 2.50 -3.19 23.63
C ARG C 39 3.48 -2.58 22.63
N GLU C 40 4.46 -1.82 23.12
CA GLU C 40 5.31 -1.02 22.24
C GLU C 40 6.76 -1.50 22.12
N LEU C 41 7.24 -2.23 23.13
CA LEU C 41 8.61 -2.73 23.11
C LEU C 41 8.69 -4.20 23.51
N PRO C 42 7.87 -5.04 22.87
CA PRO C 42 7.82 -6.45 23.25
C PRO C 42 9.15 -7.18 23.09
N SER C 43 10.01 -6.70 22.20
CA SER C 43 11.31 -7.34 21.96
C SER C 43 12.25 -7.15 23.14
N PHE C 44 12.14 -5.99 23.79
CA PHE C 44 12.99 -5.69 24.93
C PHE C 44 12.63 -6.55 26.14
N LEU C 45 11.33 -6.59 26.47
CA LEU C 45 10.84 -7.32 27.62
C LEU C 45 11.00 -8.82 27.39
N GLY C 46 11.60 -9.18 26.26
CA GLY C 46 11.91 -10.58 25.96
C GLY C 46 10.76 -11.51 26.26
N ASP C 50 8.44 -10.83 34.55
CA ASP C 50 7.72 -11.10 35.79
C ASP C 50 7.69 -9.86 36.68
N GLU C 51 6.78 -9.82 37.64
CA GLU C 51 6.57 -8.62 38.46
C GLU C 51 7.87 -8.10 39.10
N ALA C 52 8.74 -9.01 39.49
CA ALA C 52 10.02 -8.63 40.10
C ALA C 52 10.94 -7.95 39.09
N ALA C 53 11.04 -8.52 37.89
CA ALA C 53 11.85 -7.94 36.81
C ALA C 53 11.30 -6.58 36.37
N PHE C 54 9.98 -6.42 36.45
CA PHE C 54 9.33 -5.14 36.18
C PHE C 54 9.74 -4.11 37.20
N GLN C 55 9.76 -4.54 38.47
CA GLN C 55 10.10 -3.67 39.58
C GLN C 55 11.56 -3.22 39.48
N LYS C 56 12.43 -4.13 39.08
CA LYS C 56 13.84 -3.81 38.88
C LYS C 56 14.03 -2.80 37.75
N LEU C 57 13.19 -2.90 36.73
CA LEU C 57 13.22 -1.97 35.61
C LEU C 57 12.65 -0.62 36.03
N MET C 58 11.50 -0.65 36.69
CA MET C 58 10.85 0.58 37.17
C MET C 58 11.78 1.35 38.09
N SER C 59 12.55 0.60 38.88
CA SER C 59 13.50 1.20 39.80
C SER C 59 14.66 1.85 39.04
N ASN C 60 15.16 1.16 38.03
CA ASN C 60 16.27 1.66 37.22
C ASN C 60 15.95 2.94 36.45
N LEU C 61 14.75 2.99 35.87
CA LEU C 61 14.34 4.15 35.08
C LEU C 61 14.02 5.38 35.93
N ASP C 62 13.43 5.15 37.11
CA ASP C 62 13.00 6.24 37.97
C ASP C 62 14.18 6.78 38.79
N SER C 63 15.03 7.56 38.15
CA SER C 63 16.26 8.02 38.78
C SER C 63 16.05 9.07 39.88
N ASN C 64 14.97 9.85 39.77
CA ASN C 64 14.66 10.83 40.83
C ASN C 64 13.76 10.24 41.92
N ARG C 65 13.47 8.95 41.80
CA ARG C 65 12.77 8.20 42.86
C ARG C 65 11.40 8.74 43.29
N ASP C 66 10.63 9.28 42.35
CA ASP C 66 9.28 9.73 42.67
C ASP C 66 8.22 8.71 42.28
N ASN C 67 8.67 7.48 42.05
CA ASN C 67 7.78 6.34 41.79
C ASN C 67 7.10 6.36 40.43
N GLU C 68 7.51 7.29 39.57
CA GLU C 68 6.99 7.37 38.21
C GLU C 68 8.07 7.72 37.20
N VAL C 69 7.80 7.49 35.92
CA VAL C 69 8.75 7.76 34.85
C VAL C 69 8.33 8.97 34.04
N ASP C 70 9.10 10.05 34.15
CA ASP C 70 8.84 11.27 33.37
C ASP C 70 9.47 11.14 31.98
N PHE C 71 9.18 12.11 31.11
CA PHE C 71 9.66 12.06 29.75
C PHE C 71 11.18 12.01 29.67
N GLN C 72 11.84 12.72 30.56
CA GLN C 72 13.30 12.77 30.56
C GLN C 72 13.88 11.39 30.86
N GLU C 73 13.33 10.74 31.88
CA GLU C 73 13.78 9.41 32.25
C GLU C 73 13.46 8.41 31.15
N TYR C 74 12.38 8.68 30.41
CA TYR C 74 11.96 7.88 29.28
C TYR C 74 12.98 7.96 28.14
N CYS C 75 13.46 9.17 27.84
CA CYS C 75 14.49 9.38 26.81
C CYS C 75 15.79 8.64 27.15
N VAL C 76 16.21 8.74 28.40
CA VAL C 76 17.41 8.05 28.86
C VAL C 76 17.26 6.56 28.61
N PHE C 77 16.07 6.04 28.92
CA PHE C 77 15.77 4.64 28.69
C PHE C 77 15.89 4.26 27.22
N LEU C 78 15.28 5.06 26.34
CA LEU C 78 15.33 4.78 24.90
C LEU C 78 16.75 4.89 24.36
N SER C 79 17.49 5.91 24.81
CA SER C 79 18.89 6.04 24.44
C SER C 79 19.65 4.79 24.81
N CYS C 80 19.37 4.26 26.00
CA CYS C 80 19.99 3.05 26.48
C CYS C 80 19.79 1.90 25.50
N ILE C 81 18.55 1.75 25.05
CA ILE C 81 18.24 0.75 24.04
C ILE C 81 19.02 1.05 22.76
N ALA C 82 18.97 2.31 22.31
CA ALA C 82 19.72 2.71 21.13
C ALA C 82 21.18 2.30 21.28
N MET C 83 21.72 2.58 22.46
CA MET C 83 23.10 2.23 22.80
C MET C 83 23.35 0.76 22.51
N MET C 84 22.42 -0.09 22.94
CA MET C 84 22.55 -1.53 22.73
C MET C 84 22.62 -1.83 21.24
N CYS C 85 21.65 -1.29 20.49
CA CYS C 85 21.56 -1.55 19.06
C CYS C 85 22.85 -1.18 18.36
N ASN C 86 23.41 -0.06 18.77
CA ASN C 86 24.63 0.47 18.21
C ASN C 86 25.81 -0.49 18.31
N GLU C 87 25.87 -1.22 19.42
CA GLU C 87 26.90 -2.25 19.61
C GLU C 87 26.93 -3.26 18.47
N PHE C 88 25.75 -3.58 17.91
CA PHE C 88 25.68 -4.49 16.78
C PHE C 88 26.48 -3.96 15.58
N PHE C 89 26.39 -2.66 15.34
CA PHE C 89 27.03 -2.04 14.18
C PHE C 89 28.55 -1.97 14.27
N GLU C 90 29.08 -1.72 15.45
CA GLU C 90 30.54 -1.72 15.65
C GLU C 90 31.15 -3.12 15.45
N GLY C 91 30.31 -4.15 15.58
CA GLY C 91 30.73 -5.51 15.24
C GLY C 91 31.16 -6.35 16.43
N PHE C 92 30.56 -6.08 17.58
CA PHE C 92 30.80 -6.87 18.79
C PHE C 92 32.26 -7.35 18.91
N CYS D 2 5.85 -3.07 15.73
CA CYS D 2 6.15 -2.09 16.81
C CYS D 2 6.73 -0.82 16.25
N PRO D 3 5.90 0.23 16.11
CA PRO D 3 6.44 1.51 15.65
C PRO D 3 7.65 1.94 16.46
N LEU D 4 7.60 1.76 17.78
CA LEU D 4 8.67 2.25 18.64
C LEU D 4 9.99 1.52 18.40
N GLU D 5 9.94 0.21 18.33
CA GLU D 5 11.14 -0.56 18.03
C GLU D 5 11.67 -0.20 16.65
N LYS D 6 10.79 0.00 15.68
CA LYS D 6 11.23 0.45 14.37
C LYS D 6 11.84 1.85 14.44
N ALA D 7 11.31 2.69 15.32
CA ALA D 7 11.80 4.04 15.48
C ALA D 7 13.25 4.03 15.99
N LEU D 8 13.52 3.19 16.97
CA LEU D 8 14.87 3.02 17.45
C LEU D 8 15.78 2.52 16.32
N ASP D 9 15.30 1.54 15.56
CA ASP D 9 16.05 1.03 14.42
C ASP D 9 16.43 2.16 13.48
N VAL D 10 15.45 2.98 13.10
CA VAL D 10 15.69 4.06 12.15
C VAL D 10 16.73 5.05 12.68
N MET D 11 16.65 5.36 13.97
CA MET D 11 17.58 6.27 14.61
C MET D 11 19.01 5.79 14.53
N VAL D 12 19.22 4.52 14.85
CA VAL D 12 20.54 3.90 14.88
C VAL D 12 21.08 3.68 13.47
N SER D 13 20.22 3.21 12.58
CA SER D 13 20.63 2.89 11.23
C SER D 13 20.99 4.16 10.46
N THR D 14 20.23 5.23 10.69
CA THR D 14 20.46 6.48 9.98
C THR D 14 21.86 7.01 10.27
N PHE D 15 22.30 6.87 11.52
CA PHE D 15 23.61 7.35 11.89
C PHE D 15 24.69 6.69 11.06
N HIS D 16 24.57 5.37 10.91
CA HIS D 16 25.60 4.60 10.22
C HIS D 16 25.54 4.71 8.71
N LYS D 17 24.37 5.08 8.19
CA LYS D 17 24.20 5.30 6.78
C LYS D 17 25.10 6.41 6.31
N TYR D 18 25.39 7.36 7.20
CA TYR D 18 26.17 8.54 6.84
C TYR D 18 27.57 8.55 7.44
N SER D 19 27.73 7.93 8.59
CA SER D 19 29.01 7.93 9.30
C SER D 19 30.08 7.14 8.54
N GLY D 20 29.67 6.06 7.90
CA GLY D 20 30.61 5.17 7.23
C GLY D 20 30.98 5.56 5.82
N LYS D 21 30.59 6.75 5.40
CA LYS D 21 30.89 7.19 4.03
C LYS D 21 32.37 7.53 3.85
N GLU D 22 32.91 8.35 4.73
CA GLU D 22 34.34 8.70 4.70
C GLU D 22 34.99 8.68 6.09
N GLY D 23 36.31 8.62 6.10
CA GLY D 23 37.09 8.67 7.34
C GLY D 23 36.72 7.59 8.35
N ASP D 24 36.63 7.98 9.61
CA ASP D 24 36.17 7.08 10.65
C ASP D 24 34.78 6.62 10.29
N LYS D 25 34.60 5.31 10.21
CA LYS D 25 33.34 4.72 9.80
C LYS D 25 32.25 4.91 10.86
N PHE D 26 32.67 5.11 12.11
CA PHE D 26 31.72 5.21 13.21
C PHE D 26 31.58 6.63 13.77
N LYS D 27 31.97 7.62 12.98
CA LYS D 27 31.85 9.03 13.39
C LYS D 27 31.45 9.92 12.21
N LEU D 28 30.70 10.97 12.51
CA LEU D 28 30.25 11.91 11.49
C LEU D 28 31.17 13.11 11.41
N ASN D 29 31.80 13.31 10.24
CA ASN D 29 32.55 14.54 10.01
C ASN D 29 31.60 15.65 9.57
N LYS D 30 32.12 16.87 9.46
CA LYS D 30 31.28 18.01 9.08
C LYS D 30 30.44 17.71 7.84
N SER D 31 31.07 17.10 6.84
CA SER D 31 30.41 16.79 5.59
C SER D 31 29.29 15.76 5.75
N GLU D 32 29.57 14.68 6.47
CA GLU D 32 28.60 13.64 6.71
C GLU D 32 27.42 14.14 7.53
N LEU D 33 27.72 14.94 8.56
CA LEU D 33 26.67 15.51 9.41
C LEU D 33 25.77 16.40 8.58
N LYS D 34 26.38 17.16 7.67
CA LYS D 34 25.66 18.06 6.77
C LYS D 34 24.65 17.28 5.92
N GLU D 35 25.08 16.16 5.35
CA GLU D 35 24.20 15.32 4.57
C GLU D 35 23.03 14.77 5.40
N LEU D 36 23.34 14.22 6.56
CA LEU D 36 22.33 13.63 7.44
C LEU D 36 21.27 14.65 7.83
N LEU D 37 21.71 15.84 8.26
CA LEU D 37 20.77 16.88 8.66
C LEU D 37 19.92 17.34 7.48
N THR D 38 20.56 17.53 6.34
CA THR D 38 19.86 17.99 5.15
C THR D 38 18.83 16.98 4.64
N ARG D 39 19.25 15.72 4.49
CA ARG D 39 18.37 14.70 3.93
C ARG D 39 17.42 14.08 4.97
N GLU D 40 17.81 14.06 6.24
CA GLU D 40 17.08 13.30 7.25
C GLU D 40 16.32 14.14 8.28
N LEU D 41 16.78 15.36 8.54
CA LEU D 41 16.13 16.25 9.50
C LEU D 41 15.87 17.64 8.94
N PRO D 42 15.25 17.72 7.75
CA PRO D 42 15.08 19.01 7.09
C PRO D 42 14.26 20.01 7.90
N SER D 43 13.37 19.51 8.74
CA SER D 43 12.52 20.38 9.55
C SER D 43 13.31 21.12 10.61
N PHE D 44 14.39 20.50 11.08
CA PHE D 44 15.20 21.10 12.13
C PHE D 44 16.06 22.24 11.58
N LEU D 45 16.76 21.98 10.48
CA LEU D 45 17.58 23.00 9.86
C LEU D 45 16.71 24.02 9.16
N ASP D 50 23.37 28.52 6.10
CA ASP D 50 24.64 28.74 5.42
C ASP D 50 25.72 27.79 5.95
N GLU D 51 26.85 28.35 6.36
CA GLU D 51 27.95 27.55 6.87
C GLU D 51 28.24 27.86 8.35
N ALA D 52 28.02 29.11 8.74
CA ALA D 52 28.26 29.55 10.12
C ALA D 52 27.32 28.86 11.10
N ALA D 53 26.04 28.80 10.76
CA ALA D 53 25.05 28.13 11.59
C ALA D 53 25.37 26.65 11.71
N PHE D 54 25.91 26.08 10.64
CA PHE D 54 26.35 24.68 10.64
C PHE D 54 27.51 24.49 11.60
N GLN D 55 28.45 25.43 11.57
CA GLN D 55 29.63 25.38 12.43
C GLN D 55 29.24 25.51 13.90
N LYS D 56 28.26 26.36 14.18
CA LYS D 56 27.75 26.51 15.55
C LYS D 56 27.09 25.23 16.05
N LEU D 57 26.41 24.52 15.14
CA LEU D 57 25.80 23.23 15.47
C LEU D 57 26.83 22.13 15.66
N MET D 58 27.75 22.03 14.69
CA MET D 58 28.85 21.07 14.77
C MET D 58 29.62 21.23 16.07
N SER D 59 29.78 22.48 16.50
CA SER D 59 30.49 22.79 17.73
C SER D 59 29.70 22.31 18.94
N ASN D 60 28.40 22.59 18.95
CA ASN D 60 27.53 22.19 20.05
C ASN D 60 27.46 20.68 20.26
N LEU D 61 27.37 19.93 19.16
CA LEU D 61 27.22 18.48 19.25
C LEU D 61 28.52 17.77 19.62
N ASP D 62 29.64 18.31 19.15
CA ASP D 62 30.95 17.71 19.41
C ASP D 62 31.45 18.12 20.79
N SER D 63 30.91 17.49 21.83
CA SER D 63 31.23 17.85 23.21
C SER D 63 32.64 17.43 23.65
N ASN D 64 33.17 16.35 23.06
CA ASN D 64 34.54 15.93 23.38
C ASN D 64 35.58 16.60 22.47
N ARG D 65 35.11 17.46 21.58
CA ARG D 65 35.97 18.33 20.76
C ARG D 65 37.00 17.61 19.88
N ASP D 66 36.62 16.47 19.31
CA ASP D 66 37.51 15.76 18.39
C ASP D 66 37.16 16.04 16.93
N ASN D 67 36.37 17.09 16.70
CA ASN D 67 35.98 17.55 15.36
C ASN D 67 35.01 16.62 14.62
N GLU D 68 34.49 15.62 15.32
CA GLU D 68 33.52 14.71 14.72
C GLU D 68 32.42 14.36 15.70
N VAL D 69 31.30 13.85 15.18
CA VAL D 69 30.16 13.47 16.00
C VAL D 69 30.06 11.96 16.09
N ASP D 70 30.29 11.42 17.29
CA ASP D 70 30.16 9.98 17.52
C ASP D 70 28.72 9.63 17.85
N PHE D 71 28.43 8.34 17.96
CA PHE D 71 27.06 7.92 18.18
C PHE D 71 26.47 8.48 19.47
N GLN D 72 27.29 8.54 20.51
CA GLN D 72 26.81 9.03 21.80
C GLN D 72 26.41 10.49 21.71
N GLU D 73 27.22 11.30 21.03
CA GLU D 73 26.91 12.70 20.82
C GLU D 73 25.67 12.85 19.95
N TYR D 74 25.49 11.90 19.04
CA TYR D 74 24.33 11.83 18.17
C TYR D 74 23.04 11.58 18.96
N CYS D 75 23.10 10.68 19.93
CA CYS D 75 21.97 10.38 20.79
C CYS D 75 21.53 11.61 21.59
N VAL D 76 22.50 12.30 22.18
CA VAL D 76 22.23 13.51 22.92
C VAL D 76 21.49 14.50 22.04
N PHE D 77 21.97 14.64 20.80
CA PHE D 77 21.36 15.57 19.87
C PHE D 77 19.90 15.21 19.60
N LEU D 78 19.62 13.92 19.43
CA LEU D 78 18.26 13.49 19.14
C LEU D 78 17.37 13.63 20.37
N SER D 79 17.91 13.31 21.55
CA SER D 79 17.21 13.54 22.81
C SER D 79 16.79 15.00 22.89
N CYS D 80 17.71 15.88 22.52
CA CYS D 80 17.47 17.30 22.59
C CYS D 80 16.26 17.67 21.75
N ILE D 81 16.20 17.16 20.53
CA ILE D 81 15.07 17.41 19.66
C ILE D 81 13.79 16.85 20.28
N ALA D 82 13.87 15.62 20.78
CA ALA D 82 12.71 15.00 21.41
C ALA D 82 12.23 15.89 22.54
N MET D 83 13.19 16.37 23.33
CA MET D 83 12.94 17.31 24.42
C MET D 83 12.04 18.45 23.94
N MET D 84 12.39 19.05 22.80
CA MET D 84 11.63 20.17 22.25
C MET D 84 10.22 19.76 21.88
N CYS D 85 10.11 18.61 21.21
CA CYS D 85 8.81 18.08 20.82
C CYS D 85 7.92 17.87 22.03
N ASN D 86 8.53 17.38 23.11
CA ASN D 86 7.81 17.13 24.33
C ASN D 86 7.14 18.37 24.89
N GLU D 87 7.80 19.51 24.71
CA GLU D 87 7.28 20.78 25.21
C GLU D 87 5.87 21.06 24.64
N PHE D 88 5.68 20.75 23.36
CA PHE D 88 4.37 20.90 22.75
C PHE D 88 3.26 20.19 23.54
N PHE D 89 3.55 18.99 24.01
CA PHE D 89 2.55 18.18 24.70
C PHE D 89 2.14 18.73 26.07
N GLU D 90 2.98 19.57 26.68
CA GLU D 90 2.61 20.25 27.93
C GLU D 90 1.46 21.28 27.74
N GLY D 91 0.53 20.97 26.85
CA GLY D 91 -0.58 21.87 26.54
C GLY D 91 -0.20 22.94 25.55
N ALA E 1 -2.31 13.87 -8.03
CA ALA E 1 -2.23 13.68 -6.55
C ALA E 1 -1.78 14.97 -5.90
N CYS E 2 -2.75 15.72 -5.37
CA CYS E 2 -2.47 17.03 -4.81
C CYS E 2 -2.72 17.05 -3.32
N PRO E 3 -1.66 16.85 -2.51
CA PRO E 3 -1.86 16.83 -1.08
C PRO E 3 -2.68 18.03 -0.63
N LEU E 4 -2.35 19.21 -1.14
CA LEU E 4 -2.96 20.45 -0.67
C LEU E 4 -4.44 20.55 -1.02
N GLU E 5 -4.82 20.13 -2.21
CA GLU E 5 -6.22 20.11 -2.57
C GLU E 5 -6.97 19.07 -1.76
N LYS E 6 -6.34 17.93 -1.50
CA LYS E 6 -6.96 16.95 -0.63
C LYS E 6 -7.11 17.51 0.80
N ALA E 7 -6.10 18.25 1.24
CA ALA E 7 -6.12 18.81 2.57
C ALA E 7 -7.30 19.77 2.73
N LEU E 8 -7.57 20.56 1.70
CA LEU E 8 -8.69 21.49 1.77
C LEU E 8 -10.00 20.73 1.84
N ASP E 9 -10.08 19.65 1.06
CA ASP E 9 -11.22 18.74 1.09
C ASP E 9 -11.46 18.20 2.50
N VAL E 10 -10.40 17.75 3.15
CA VAL E 10 -10.52 17.15 4.47
C VAL E 10 -11.00 18.18 5.47
N MET E 11 -10.54 19.41 5.31
CA MET E 11 -10.92 20.47 6.23
C MET E 11 -12.40 20.78 6.09
N VAL E 12 -12.88 20.87 4.86
CA VAL E 12 -14.26 21.22 4.60
C VAL E 12 -15.21 20.08 4.94
N SER E 13 -14.81 18.86 4.62
CA SER E 13 -15.66 17.69 4.84
C SER E 13 -15.78 17.31 6.31
N THR E 14 -14.69 17.47 7.05
CA THR E 14 -14.70 17.14 8.47
C THR E 14 -15.71 18.00 9.21
N PHE E 15 -15.82 19.27 8.82
CA PHE E 15 -16.78 20.15 9.45
C PHE E 15 -18.18 19.59 9.32
N HIS E 16 -18.54 19.22 8.09
CA HIS E 16 -19.91 18.78 7.82
C HIS E 16 -20.21 17.38 8.35
N LYS E 17 -19.17 16.60 8.58
CA LYS E 17 -19.32 15.29 9.17
C LYS E 17 -19.91 15.39 10.58
N TYR E 18 -19.67 16.52 11.24
CA TYR E 18 -20.08 16.70 12.63
C TYR E 18 -21.21 17.72 12.82
N SER E 19 -21.26 18.69 11.92
CA SER E 19 -22.25 19.77 12.00
C SER E 19 -23.67 19.29 11.67
N GLY E 20 -23.75 18.30 10.79
CA GLY E 20 -25.05 17.79 10.33
C GLY E 20 -25.66 16.70 11.19
N LYS E 21 -25.04 16.43 12.34
CA LYS E 21 -25.54 15.38 13.23
C LYS E 21 -26.82 15.81 13.94
N GLU E 22 -26.80 16.97 14.58
CA GLU E 22 -28.00 17.49 15.23
C GLU E 22 -28.25 18.98 14.94
N GLY E 23 -29.46 19.44 15.26
CA GLY E 23 -29.83 20.84 15.14
C GLY E 23 -29.62 21.41 13.75
N ASP E 24 -29.07 22.63 13.69
CA ASP E 24 -28.65 23.22 12.43
C ASP E 24 -27.61 22.29 11.79
N LYS E 25 -27.88 21.91 10.55
CA LYS E 25 -27.00 21.00 9.84
C LYS E 25 -25.69 21.67 9.46
N PHE E 26 -25.69 22.99 9.42
CA PHE E 26 -24.50 23.73 8.97
C PHE E 26 -23.80 24.48 10.10
N LYS E 27 -24.01 24.05 11.33
CA LYS E 27 -23.37 24.67 12.48
C LYS E 27 -23.04 23.65 13.57
N LEU E 28 -21.97 23.91 14.30
CA LEU E 28 -21.51 23.00 15.34
C LEU E 28 -21.99 23.47 16.70
N ASN E 29 -22.83 22.66 17.35
CA ASN E 29 -23.21 22.95 18.73
C ASN E 29 -22.12 22.44 19.68
N LYS E 30 -22.25 22.78 20.96
CA LYS E 30 -21.24 22.41 21.94
C LYS E 30 -20.89 20.92 21.84
N SER E 31 -21.90 20.08 21.68
CA SER E 31 -21.73 18.64 21.63
C SER E 31 -20.98 18.20 20.37
N GLU E 32 -21.38 18.75 19.23
CA GLU E 32 -20.80 18.42 17.95
C GLU E 32 -19.36 18.92 17.87
N LEU E 33 -19.10 20.08 18.47
CA LEU E 33 -17.75 20.62 18.49
C LEU E 33 -16.87 19.77 19.40
N LYS E 34 -17.46 19.21 20.44
CA LYS E 34 -16.74 18.34 21.37
C LYS E 34 -16.26 17.09 20.64
N GLU E 35 -17.15 16.48 19.84
CA GLU E 35 -16.78 15.31 19.07
C GLU E 35 -15.66 15.60 18.08
N LEU E 36 -15.84 16.65 17.29
CA LEU E 36 -14.86 17.00 16.27
C LEU E 36 -13.46 17.18 16.86
N LEU E 37 -13.35 17.98 17.91
CA LEU E 37 -12.05 18.23 18.54
C LEU E 37 -11.47 16.95 19.13
N THR E 38 -12.30 16.15 19.80
CA THR E 38 -11.84 14.91 20.41
C THR E 38 -11.35 13.90 19.37
N ARG E 39 -12.17 13.67 18.34
CA ARG E 39 -11.85 12.68 17.31
C ARG E 39 -10.88 13.17 16.23
N GLU E 40 -10.91 14.46 15.93
CA GLU E 40 -10.18 14.97 14.77
C GLU E 40 -8.97 15.82 15.10
N LEU E 41 -8.95 16.45 16.27
CA LEU E 41 -7.83 17.29 16.64
C LEU E 41 -7.30 16.98 18.03
N PRO E 42 -7.04 15.69 18.32
CA PRO E 42 -6.68 15.29 19.68
C PRO E 42 -5.41 15.99 20.18
N SER E 43 -4.52 16.37 19.27
CA SER E 43 -3.26 17.00 19.64
C SER E 43 -3.46 18.40 20.20
N PHE E 44 -4.51 19.05 19.74
CA PHE E 44 -4.82 20.40 20.21
C PHE E 44 -5.37 20.40 21.63
N LEU E 45 -6.37 19.55 21.87
CA LEU E 45 -7.04 19.52 23.17
C LEU E 45 -6.32 18.67 24.19
N GLY E 46 -5.60 17.65 23.74
CA GLY E 46 -5.11 16.63 24.67
C GLY E 46 -6.29 15.89 25.27
N LYS E 47 -6.18 14.56 25.32
CA LYS E 47 -7.32 13.71 25.67
C LYS E 47 -8.14 14.18 26.87
N ARG E 48 -9.39 13.75 26.92
CA ARG E 48 -10.25 13.97 28.08
C ARG E 48 -10.03 15.34 28.70
N THR E 49 -10.49 16.38 28.02
CA THR E 49 -10.46 17.73 28.57
C THR E 49 -11.73 17.98 29.37
N ASP E 50 -11.61 18.72 30.46
CA ASP E 50 -12.78 19.01 31.31
C ASP E 50 -13.72 20.02 30.61
N GLU E 51 -14.78 20.40 31.31
CA GLU E 51 -15.87 21.15 30.69
C GLU E 51 -15.62 22.66 30.61
N ALA E 52 -14.89 23.20 31.59
CA ALA E 52 -14.64 24.64 31.64
C ALA E 52 -13.75 25.11 30.50
N ALA E 53 -12.66 24.36 30.24
CA ALA E 53 -11.76 24.68 29.16
C ALA E 53 -12.46 24.57 27.81
N PHE E 54 -13.40 23.63 27.72
CA PHE E 54 -14.24 23.49 26.54
C PHE E 54 -15.09 24.73 26.32
N GLN E 55 -15.69 25.20 27.40
CA GLN E 55 -16.57 26.37 27.39
C GLN E 55 -15.79 27.61 27.00
N LYS E 56 -14.59 27.77 27.55
CA LYS E 56 -13.71 28.87 27.20
C LYS E 56 -13.35 28.87 25.71
N LEU E 57 -13.18 27.67 25.15
CA LEU E 57 -12.92 27.54 23.72
C LEU E 57 -14.17 27.82 22.90
N MET E 58 -15.27 27.14 23.21
CA MET E 58 -16.53 27.38 22.52
C MET E 58 -16.85 28.88 22.49
N SER E 59 -16.53 29.57 23.57
CA SER E 59 -16.75 31.01 23.67
C SER E 59 -15.86 31.78 22.70
N ASN E 60 -14.59 31.40 22.64
CA ASN E 60 -13.61 32.06 21.76
C ASN E 60 -13.92 31.91 20.27
N LEU E 61 -14.39 30.74 19.86
CA LEU E 61 -14.66 30.50 18.45
C LEU E 61 -15.98 31.17 18.01
N ASP E 62 -16.95 31.19 18.91
CA ASP E 62 -18.27 31.72 18.59
C ASP E 62 -18.25 33.23 18.67
N SER E 63 -17.68 33.87 17.66
CA SER E 63 -17.51 35.32 17.67
C SER E 63 -18.78 36.12 17.45
N ASN E 64 -19.76 35.54 16.78
CA ASN E 64 -21.06 36.20 16.64
C ASN E 64 -22.04 35.83 17.76
N ARG E 65 -21.56 35.01 18.71
CA ARG E 65 -22.30 34.70 19.94
C ARG E 65 -23.69 34.11 19.74
N ASP E 66 -23.82 33.22 18.76
CA ASP E 66 -25.10 32.56 18.54
C ASP E 66 -25.11 31.16 19.14
N ASN E 67 -24.13 30.92 20.01
CA ASN E 67 -23.97 29.67 20.74
C ASN E 67 -23.59 28.45 19.91
N GLU E 68 -23.22 28.70 18.65
CA GLU E 68 -22.78 27.63 17.75
C GLU E 68 -21.65 28.11 16.87
N VAL E 69 -20.92 27.15 16.29
CA VAL E 69 -19.77 27.44 15.43
C VAL E 69 -20.10 27.18 13.96
N ASP E 70 -20.19 28.27 13.19
CA ASP E 70 -20.44 28.16 11.75
C ASP E 70 -19.15 27.89 11.00
N PHE E 71 -19.25 27.62 9.71
CA PHE E 71 -18.07 27.27 8.94
C PHE E 71 -17.04 28.37 8.96
N GLN E 72 -17.49 29.62 8.93
CA GLN E 72 -16.57 30.74 8.90
C GLN E 72 -15.76 30.78 10.19
N GLU E 73 -16.44 30.61 11.32
CA GLU E 73 -15.75 30.62 12.61
C GLU E 73 -14.78 29.46 12.64
N TYR E 74 -15.19 28.34 12.06
CA TYR E 74 -14.37 27.13 11.99
C TYR E 74 -13.07 27.41 11.24
N CYS E 75 -13.15 28.07 10.09
CA CYS E 75 -11.96 28.40 9.31
C CYS E 75 -10.97 29.27 10.09
N VAL E 76 -11.48 30.28 10.79
CA VAL E 76 -10.64 31.13 11.62
C VAL E 76 -9.90 30.27 12.64
N PHE E 77 -10.64 29.37 13.27
CA PHE E 77 -10.05 28.47 14.25
C PHE E 77 -8.90 27.64 13.64
N LEU E 78 -9.13 27.05 12.48
CA LEU E 78 -8.08 26.31 11.81
C LEU E 78 -6.88 27.18 11.38
N SER E 79 -7.16 28.33 10.77
CA SER E 79 -6.12 29.35 10.56
C SER E 79 -5.30 29.64 11.82
N CYS E 80 -5.99 29.84 12.94
CA CYS E 80 -5.31 30.05 14.21
C CYS E 80 -4.28 28.95 14.49
N ILE E 81 -4.73 27.69 14.44
CA ILE E 81 -3.84 26.54 14.63
C ILE E 81 -2.69 26.58 13.61
N ALA E 82 -3.01 26.83 12.35
CA ALA E 82 -1.97 26.92 11.31
C ALA E 82 -0.94 28.01 11.65
N MET E 83 -1.42 29.14 12.17
CA MET E 83 -0.53 30.21 12.64
C MET E 83 0.45 29.65 13.66
N MET E 84 -0.09 28.90 14.59
CA MET E 84 0.65 28.28 15.66
C MET E 84 1.77 27.41 15.07
N CYS E 85 1.38 26.49 14.20
CA CYS E 85 2.32 25.62 13.53
C CYS E 85 3.41 26.41 12.79
N ASN E 86 3.00 27.50 12.13
CA ASN E 86 3.91 28.32 11.35
C ASN E 86 5.07 28.87 12.17
N GLU E 87 4.80 29.14 13.45
CA GLU E 87 5.82 29.69 14.32
C GLU E 87 7.02 28.76 14.40
N PHE E 88 6.76 27.46 14.34
CA PHE E 88 7.82 26.47 14.41
C PHE E 88 8.83 26.67 13.29
N PHE E 89 8.34 26.99 12.10
CA PHE E 89 9.20 27.17 10.92
C PHE E 89 10.06 28.45 10.95
N GLU E 90 9.63 29.46 11.70
CA GLU E 90 10.40 30.71 11.81
C GLU E 90 10.98 30.90 13.21
N ALA F 1 -3.86 7.85 11.89
CA ALA F 1 -3.68 9.05 12.76
C ALA F 1 -4.91 9.95 12.70
N CYS F 2 -4.76 11.10 12.03
CA CYS F 2 -5.79 12.12 11.99
C CYS F 2 -5.77 12.89 10.69
N PRO F 3 -6.69 12.56 9.77
CA PRO F 3 -6.70 13.28 8.50
C PRO F 3 -6.59 14.79 8.71
N LEU F 4 -7.39 15.33 9.61
CA LEU F 4 -7.45 16.77 9.81
C LEU F 4 -6.16 17.37 10.33
N GLU F 5 -5.49 16.68 11.26
CA GLU F 5 -4.20 17.18 11.72
C GLU F 5 -3.18 17.10 10.62
N LYS F 6 -3.28 16.07 9.78
CA LYS F 6 -2.35 15.97 8.68
C LYS F 6 -2.63 17.06 7.66
N ALA F 7 -3.90 17.45 7.57
CA ALA F 7 -4.32 18.43 6.58
C ALA F 7 -3.78 19.82 6.94
N LEU F 8 -3.77 20.12 8.23
CA LEU F 8 -3.18 21.37 8.69
C LEU F 8 -1.71 21.37 8.41
N ASP F 9 -1.08 20.21 8.61
CA ASP F 9 0.34 20.04 8.38
C ASP F 9 0.67 20.34 6.92
N VAL F 10 -0.10 19.77 6.02
CA VAL F 10 0.14 19.95 4.59
C VAL F 10 -0.03 21.41 4.22
N MET F 11 -1.02 22.08 4.81
CA MET F 11 -1.28 23.46 4.51
C MET F 11 -0.10 24.35 4.90
N VAL F 12 0.45 24.07 6.06
CA VAL F 12 1.52 24.88 6.62
C VAL F 12 2.83 24.58 5.94
N SER F 13 3.07 23.31 5.68
CA SER F 13 4.31 22.89 5.06
C SER F 13 4.40 23.29 3.60
N THR F 14 3.27 23.28 2.92
CA THR F 14 3.25 23.61 1.50
C THR F 14 3.70 25.05 1.30
N PHE F 15 3.21 25.94 2.17
CA PHE F 15 3.60 27.33 2.08
C PHE F 15 5.11 27.47 2.11
N HIS F 16 5.73 26.84 3.09
CA HIS F 16 7.16 26.99 3.28
C HIS F 16 8.01 26.30 2.23
N LYS F 17 7.44 25.32 1.57
CA LYS F 17 8.13 24.62 0.51
C LYS F 17 8.45 25.59 -0.62
N TYR F 18 7.60 26.59 -0.80
CA TYR F 18 7.74 27.51 -1.90
C TYR F 18 8.23 28.91 -1.48
N SER F 19 7.92 29.31 -0.24
CA SER F 19 8.29 30.63 0.23
C SER F 19 9.78 30.78 0.42
N GLY F 20 10.43 29.69 0.81
CA GLY F 20 11.85 29.72 1.15
C GLY F 20 12.79 29.55 -0.03
N LYS F 21 12.26 29.56 -1.25
CA LYS F 21 13.09 29.36 -2.43
C LYS F 21 13.93 30.60 -2.76
N GLU F 22 13.28 31.75 -2.85
CA GLU F 22 14.00 33.01 -3.09
C GLU F 22 13.61 34.13 -2.11
N GLY F 23 14.43 35.17 -2.07
CA GLY F 23 14.15 36.37 -1.30
C GLY F 23 13.81 36.10 0.15
N ASP F 24 12.77 36.76 0.64
CA ASP F 24 12.25 36.47 1.97
C ASP F 24 11.86 34.99 2.05
N LYS F 25 12.39 34.29 3.04
CA LYS F 25 12.14 32.86 3.16
C LYS F 25 10.73 32.58 3.67
N PHE F 26 10.09 33.60 4.25
CA PHE F 26 8.76 33.44 4.85
C PHE F 26 7.66 34.19 4.08
N LYS F 27 7.93 34.51 2.82
CA LYS F 27 6.96 35.21 1.97
C LYS F 27 7.02 34.71 0.54
N LEU F 28 5.87 34.70 -0.13
CA LEU F 28 5.80 34.22 -1.49
C LEU F 28 5.86 35.38 -2.45
N ASN F 29 6.88 35.43 -3.30
CA ASN F 29 6.90 36.43 -4.36
C ASN F 29 6.04 35.96 -5.52
N LYS F 30 5.83 36.82 -6.51
CA LYS F 30 5.02 36.45 -7.67
C LYS F 30 5.41 35.09 -8.25
N SER F 31 6.72 34.88 -8.38
CA SER F 31 7.26 33.66 -8.96
C SER F 31 6.93 32.43 -8.11
N GLU F 32 7.14 32.55 -6.80
CA GLU F 32 6.89 31.42 -5.91
C GLU F 32 5.42 31.11 -5.80
N LEU F 33 4.59 32.13 -5.84
CA LEU F 33 3.15 31.94 -5.76
C LEU F 33 2.68 31.25 -7.01
N LYS F 34 3.29 31.57 -8.14
CA LYS F 34 2.97 30.90 -9.41
C LYS F 34 3.25 29.41 -9.33
N GLU F 35 4.38 29.04 -8.76
CA GLU F 35 4.73 27.65 -8.60
C GLU F 35 3.72 26.92 -7.72
N LEU F 36 3.45 27.48 -6.55
CA LEU F 36 2.56 26.84 -5.57
C LEU F 36 1.16 26.60 -6.12
N LEU F 37 0.59 27.63 -6.73
CA LEU F 37 -0.72 27.51 -7.36
C LEU F 37 -0.71 26.48 -8.47
N THR F 38 0.32 26.51 -9.32
CA THR F 38 0.41 25.59 -10.44
C THR F 38 0.59 24.14 -10.01
N ARG F 39 1.52 23.90 -9.09
CA ARG F 39 1.83 22.54 -8.70
C ARG F 39 0.89 22.00 -7.62
N GLU F 40 0.34 22.89 -6.81
CA GLU F 40 -0.39 22.47 -5.64
C GLU F 40 -1.91 22.71 -5.70
N LEU F 41 -2.32 23.70 -6.48
CA LEU F 41 -3.74 24.06 -6.59
C LEU F 41 -4.21 24.18 -8.03
N PRO F 42 -3.94 23.14 -8.83
CA PRO F 42 -4.22 23.21 -10.26
C PRO F 42 -5.70 23.35 -10.58
N SER F 43 -6.56 22.85 -9.68
CA SER F 43 -8.01 22.92 -9.89
C SER F 43 -8.53 24.34 -9.78
N PHE F 44 -7.88 25.13 -8.92
CA PHE F 44 -8.29 26.51 -8.69
C PHE F 44 -7.94 27.38 -9.89
N LEU F 45 -6.70 27.30 -10.35
CA LEU F 45 -6.30 28.07 -11.52
C LEU F 45 -6.93 27.48 -12.77
N ASP F 50 -1.66 32.90 -18.47
CA ASP F 50 -2.47 34.09 -18.23
C ASP F 50 -1.83 34.96 -17.14
N GLU F 51 -0.92 35.84 -17.56
CA GLU F 51 -0.17 36.65 -16.61
C GLU F 51 -1.05 37.72 -15.96
N ALA F 52 -2.03 38.22 -16.70
CA ALA F 52 -2.93 39.25 -16.18
C ALA F 52 -3.81 38.70 -15.06
N ALA F 53 -4.40 37.53 -15.29
CA ALA F 53 -5.22 36.90 -14.27
C ALA F 53 -4.39 36.59 -13.03
N PHE F 54 -3.11 36.32 -13.26
CA PHE F 54 -2.19 36.03 -12.17
C PHE F 54 -1.91 37.28 -11.36
N GLN F 55 -1.78 38.39 -12.06
CA GLN F 55 -1.54 39.67 -11.42
C GLN F 55 -2.76 40.08 -10.60
N LYS F 56 -3.95 39.82 -11.14
CA LYS F 56 -5.19 40.15 -10.45
C LYS F 56 -5.34 39.35 -9.14
N LEU F 57 -4.84 38.11 -9.15
CA LEU F 57 -4.84 37.27 -7.97
C LEU F 57 -3.77 37.70 -6.98
N MET F 58 -2.55 37.89 -7.46
CA MET F 58 -1.47 38.38 -6.62
C MET F 58 -1.87 39.67 -5.90
N SER F 59 -2.62 40.50 -6.61
CA SER F 59 -3.08 41.78 -6.06
C SER F 59 -4.13 41.56 -4.98
N ASN F 60 -5.06 40.63 -5.22
CA ASN F 60 -6.10 40.29 -4.26
C ASN F 60 -5.56 39.72 -2.95
N LEU F 61 -4.57 38.84 -3.05
CA LEU F 61 -4.03 38.17 -1.87
C LEU F 61 -3.14 39.07 -1.05
N ASP F 62 -2.40 39.95 -1.72
CA ASP F 62 -1.48 40.83 -1.02
C ASP F 62 -2.21 42.03 -0.46
N SER F 63 -2.88 41.85 0.68
CA SER F 63 -3.72 42.89 1.25
C SER F 63 -2.95 44.01 1.92
N ASN F 64 -1.72 43.74 2.36
CA ASN F 64 -0.89 44.78 2.95
C ASN F 64 0.03 45.44 1.91
N ARG F 65 -0.12 45.03 0.66
CA ARG F 65 0.51 45.68 -0.48
C ARG F 65 2.04 45.77 -0.41
N ASP F 66 2.68 44.74 0.15
CA ASP F 66 4.15 44.68 0.15
C ASP F 66 4.71 43.86 -1.04
N ASN F 67 3.84 43.53 -1.99
CA ASN F 67 4.24 42.82 -3.21
C ASN F 67 4.50 41.33 -3.02
N GLU F 68 4.26 40.83 -1.82
CA GLU F 68 4.46 39.42 -1.53
C GLU F 68 3.33 38.87 -0.69
N VAL F 69 3.25 37.55 -0.57
CA VAL F 69 2.18 36.91 0.17
C VAL F 69 2.74 36.21 1.42
N ASP F 70 2.40 36.76 2.59
CA ASP F 70 2.87 36.19 3.85
C ASP F 70 1.95 35.08 4.31
N PHE F 71 2.31 34.41 5.39
CA PHE F 71 1.54 33.24 5.79
C PHE F 71 0.10 33.59 6.12
N GLN F 72 -0.09 34.79 6.65
CA GLN F 72 -1.41 35.20 7.10
C GLN F 72 -2.32 35.40 5.90
N GLU F 73 -1.78 36.05 4.87
CA GLU F 73 -2.54 36.30 3.64
C GLU F 73 -2.81 34.98 2.96
N TYR F 74 -1.88 34.04 3.10
CA TYR F 74 -2.03 32.71 2.55
C TYR F 74 -3.24 32.00 3.17
N CYS F 75 -3.33 31.99 4.49
CA CYS F 75 -4.44 31.30 5.13
C CYS F 75 -5.80 31.90 4.77
N VAL F 76 -5.88 33.23 4.68
CA VAL F 76 -7.11 33.90 4.22
C VAL F 76 -7.49 33.38 2.84
N PHE F 77 -6.48 33.21 1.98
CA PHE F 77 -6.71 32.70 0.65
C PHE F 77 -7.30 31.28 0.74
N LEU F 78 -6.68 30.44 1.56
CA LEU F 78 -7.13 29.06 1.63
C LEU F 78 -8.52 29.01 2.24
N SER F 79 -8.76 29.86 3.24
CA SER F 79 -10.08 29.98 3.84
C SER F 79 -11.11 30.32 2.77
N CYS F 80 -10.71 31.20 1.87
CA CYS F 80 -11.60 31.60 0.80
C CYS F 80 -12.01 30.40 -0.04
N ILE F 81 -11.01 29.59 -0.41
CA ILE F 81 -11.27 28.36 -1.16
C ILE F 81 -12.19 27.43 -0.37
N ALA F 82 -11.85 27.20 0.89
CA ALA F 82 -12.70 26.41 1.76
C ALA F 82 -14.14 26.93 1.72
N MET F 83 -14.27 28.25 1.82
CA MET F 83 -15.56 28.94 1.76
C MET F 83 -16.32 28.49 0.52
N MET F 84 -15.65 28.51 -0.63
CA MET F 84 -16.25 28.08 -1.89
C MET F 84 -16.75 26.64 -1.78
N CYS F 85 -15.88 25.74 -1.33
CA CYS F 85 -16.22 24.33 -1.18
C CYS F 85 -17.47 24.15 -0.35
N ASN F 86 -17.52 24.88 0.77
CA ASN F 86 -18.62 24.79 1.72
C ASN F 86 -19.95 25.06 1.06
N GLU F 87 -19.96 25.95 0.06
CA GLU F 87 -21.20 26.28 -0.63
C GLU F 87 -21.83 25.06 -1.27
N PHE F 88 -20.98 24.13 -1.72
CA PHE F 88 -21.45 22.88 -2.30
C PHE F 88 -22.30 22.09 -1.31
N PHE F 89 -21.85 22.01 -0.07
CA PHE F 89 -22.56 21.27 0.96
C PHE F 89 -23.91 21.91 1.29
N GLU F 90 -24.06 23.20 1.00
CA GLU F 90 -25.32 23.92 1.22
C GLU F 90 -26.18 24.00 -0.04
N ALA G 1 -1.71 0.30 -14.72
CA ALA G 1 -3.07 0.45 -14.10
C ALA G 1 -3.75 1.76 -14.50
N CYS G 2 -5.09 1.71 -14.53
CA CYS G 2 -5.88 2.74 -15.22
C CYS G 2 -7.02 3.27 -14.36
N PRO G 3 -6.83 4.45 -13.75
CA PRO G 3 -7.90 4.96 -12.94
C PRO G 3 -9.18 4.94 -13.76
N LEU G 4 -9.10 5.40 -15.00
CA LEU G 4 -10.32 5.60 -15.77
C LEU G 4 -11.07 4.31 -16.06
N GLU G 5 -10.35 3.25 -16.35
CA GLU G 5 -11.01 1.99 -16.63
C GLU G 5 -11.58 1.44 -15.33
N LYS G 6 -10.88 1.65 -14.22
CA LYS G 6 -11.40 1.24 -12.95
C LYS G 6 -12.65 2.03 -12.60
N ALA G 7 -12.70 3.27 -13.07
CA ALA G 7 -13.79 4.15 -12.76
C ALA G 7 -15.03 3.67 -13.47
N LEU G 8 -14.86 3.23 -14.71
CA LEU G 8 -15.98 2.66 -15.44
C LEU G 8 -16.46 1.38 -14.78
N ASP G 9 -15.52 0.60 -14.26
CA ASP G 9 -15.81 -0.65 -13.58
C ASP G 9 -16.68 -0.39 -12.36
N VAL G 10 -16.30 0.61 -11.58
CA VAL G 10 -17.04 0.95 -10.39
C VAL G 10 -18.45 1.43 -10.75
N MET G 11 -18.53 2.23 -11.80
CA MET G 11 -19.82 2.74 -12.24
C MET G 11 -20.79 1.61 -12.58
N VAL G 12 -20.28 0.60 -13.26
CA VAL G 12 -21.11 -0.46 -13.80
C VAL G 12 -21.43 -1.46 -12.71
N SER G 13 -20.46 -1.67 -11.83
CA SER G 13 -20.62 -2.68 -10.80
C SER G 13 -21.57 -2.20 -9.74
N THR G 14 -21.38 -0.97 -9.31
CA THR G 14 -22.27 -0.39 -8.32
C THR G 14 -23.73 -0.58 -8.70
N PHE G 15 -24.09 -0.33 -9.95
CA PHE G 15 -25.45 -0.51 -10.39
C PHE G 15 -25.95 -1.89 -10.04
N HIS G 16 -25.17 -2.91 -10.36
CA HIS G 16 -25.61 -4.29 -10.20
C HIS G 16 -25.55 -4.77 -8.78
N LYS G 17 -24.75 -4.09 -7.97
CA LYS G 17 -24.68 -4.39 -6.56
C LYS G 17 -26.01 -4.05 -5.88
N TYR G 18 -26.78 -3.16 -6.47
CA TYR G 18 -28.05 -2.79 -5.86
C TYR G 18 -29.27 -3.27 -6.65
N SER G 19 -29.14 -3.36 -7.97
CA SER G 19 -30.29 -3.73 -8.79
C SER G 19 -30.73 -5.17 -8.56
N GLY G 20 -29.77 -6.05 -8.29
CA GLY G 20 -30.05 -7.47 -8.17
C GLY G 20 -30.52 -7.91 -6.79
N LYS G 21 -30.83 -6.93 -5.94
CA LYS G 21 -31.30 -7.24 -4.59
C LYS G 21 -32.72 -7.80 -4.53
N GLU G 22 -33.65 -7.14 -5.22
CA GLU G 22 -35.04 -7.57 -5.28
C GLU G 22 -35.63 -7.36 -6.67
N GLY G 23 -36.72 -8.06 -6.96
CA GLY G 23 -37.45 -7.89 -8.20
C GLY G 23 -36.62 -8.15 -9.43
N ASP G 24 -36.81 -7.33 -10.46
CA ASP G 24 -35.96 -7.38 -11.64
C ASP G 24 -34.53 -7.16 -11.21
N LYS G 25 -33.66 -8.12 -11.53
CA LYS G 25 -32.25 -8.10 -11.15
C LYS G 25 -31.48 -7.02 -11.90
N PHE G 26 -32.01 -6.61 -13.05
CA PHE G 26 -31.32 -5.64 -13.87
C PHE G 26 -31.96 -4.26 -13.86
N LYS G 27 -32.76 -3.97 -12.84
CA LYS G 27 -33.39 -2.66 -12.69
C LYS G 27 -33.47 -2.22 -11.23
N LEU G 28 -33.45 -0.92 -11.01
CA LEU G 28 -33.51 -0.38 -9.66
C LEU G 28 -34.94 0.04 -9.30
N ASN G 29 -35.52 -0.58 -8.28
CA ASN G 29 -36.79 -0.11 -7.78
C ASN G 29 -36.53 1.03 -6.80
N LYS G 30 -37.60 1.69 -6.37
CA LYS G 30 -37.48 2.85 -5.47
C LYS G 30 -36.54 2.54 -4.30
N SER G 31 -36.74 1.38 -3.69
CA SER G 31 -35.97 1.02 -2.51
C SER G 31 -34.50 0.85 -2.83
N GLU G 32 -34.21 0.14 -3.93
CA GLU G 32 -32.84 -0.13 -4.32
C GLU G 32 -32.14 1.18 -4.66
N LEU G 33 -32.87 2.06 -5.35
CA LEU G 33 -32.30 3.35 -5.76
C LEU G 33 -31.97 4.22 -4.56
N LYS G 34 -32.80 4.15 -3.54
CA LYS G 34 -32.56 4.86 -2.29
C LYS G 34 -31.27 4.36 -1.65
N GLU G 35 -31.06 3.05 -1.63
CA GLU G 35 -29.85 2.49 -1.03
C GLU G 35 -28.63 3.00 -1.79
N LEU G 36 -28.66 2.85 -3.10
CA LEU G 36 -27.52 3.24 -3.92
C LEU G 36 -27.16 4.69 -3.68
N LEU G 37 -28.16 5.58 -3.72
CA LEU G 37 -27.89 7.01 -3.56
C LEU G 37 -27.34 7.29 -2.17
N THR G 38 -27.99 6.75 -1.14
CA THR G 38 -27.57 6.98 0.24
C THR G 38 -26.13 6.50 0.46
N ARG G 39 -25.82 5.30 0.01
CA ARG G 39 -24.57 4.67 0.36
C ARG G 39 -23.45 5.00 -0.61
N GLU G 40 -23.82 5.33 -1.84
CA GLU G 40 -22.83 5.52 -2.88
C GLU G 40 -22.65 6.97 -3.36
N LEU G 41 -23.71 7.77 -3.24
CA LEU G 41 -23.61 9.16 -3.68
C LEU G 41 -24.12 10.12 -2.61
N PRO G 42 -23.55 10.04 -1.41
CA PRO G 42 -24.09 10.81 -0.30
C PRO G 42 -23.99 12.31 -0.56
N SER G 43 -22.99 12.73 -1.32
CA SER G 43 -22.76 14.13 -1.60
C SER G 43 -23.82 14.72 -2.50
N PHE G 44 -24.47 13.88 -3.29
CA PHE G 44 -25.53 14.34 -4.17
C PHE G 44 -26.84 14.62 -3.43
N LEU G 45 -27.24 13.71 -2.54
CA LEU G 45 -28.57 13.77 -1.93
C LEU G 45 -28.82 14.83 -0.85
N GLY G 46 -29.15 16.04 -1.27
CA GLY G 46 -29.52 17.10 -0.32
C GLY G 46 -29.79 16.58 1.08
N GLU G 51 -38.91 11.92 1.56
CA GLU G 51 -39.53 10.97 0.63
C GLU G 51 -39.99 11.66 -0.66
N ALA G 52 -40.47 12.90 -0.52
CA ALA G 52 -40.97 13.66 -1.67
C ALA G 52 -39.86 14.02 -2.66
N ALA G 53 -38.72 14.46 -2.15
CA ALA G 53 -37.57 14.77 -3.00
C ALA G 53 -37.05 13.50 -3.68
N PHE G 54 -37.19 12.38 -3.00
CA PHE G 54 -36.83 11.09 -3.57
C PHE G 54 -37.76 10.73 -4.72
N GLN G 55 -39.05 11.02 -4.54
CA GLN G 55 -40.05 10.71 -5.55
C GLN G 55 -39.82 11.58 -6.79
N LYS G 56 -39.47 12.83 -6.57
CA LYS G 56 -39.18 13.74 -7.67
C LYS G 56 -37.93 13.28 -8.45
N LEU G 57 -36.99 12.67 -7.75
CA LEU G 57 -35.79 12.15 -8.38
C LEU G 57 -36.10 10.86 -9.15
N MET G 58 -36.80 9.94 -8.49
CA MET G 58 -37.24 8.69 -9.10
C MET G 58 -38.05 8.96 -10.38
N SER G 59 -38.87 10.00 -10.33
CA SER G 59 -39.70 10.38 -11.47
C SER G 59 -38.86 10.94 -12.62
N ASN G 60 -37.89 11.76 -12.29
CA ASN G 60 -36.99 12.32 -13.29
C ASN G 60 -36.18 11.23 -14.00
N LEU G 61 -35.61 10.30 -13.23
CA LEU G 61 -34.73 9.31 -13.83
C LEU G 61 -35.53 8.34 -14.69
N ASP G 62 -36.71 7.96 -14.23
CA ASP G 62 -37.49 6.95 -14.91
C ASP G 62 -38.18 7.49 -16.15
N SER G 63 -37.39 7.74 -17.19
CA SER G 63 -37.91 8.41 -18.39
C SER G 63 -38.89 7.56 -19.20
N ASN G 64 -38.74 6.23 -19.15
CA ASN G 64 -39.70 5.37 -19.83
C ASN G 64 -40.91 5.00 -18.95
N ARG G 65 -40.91 5.51 -17.73
CA ARG G 65 -42.08 5.46 -16.83
C ARG G 65 -42.56 4.05 -16.47
N ASP G 66 -41.64 3.11 -16.32
CA ASP G 66 -42.02 1.76 -15.88
C ASP G 66 -41.79 1.56 -14.37
N ASN G 67 -41.68 2.66 -13.64
CA ASN G 67 -41.52 2.66 -12.18
C ASN G 67 -40.19 2.11 -11.67
N GLU G 68 -39.22 1.93 -12.57
CA GLU G 68 -37.89 1.51 -12.18
C GLU G 68 -36.81 2.19 -13.02
N VAL G 69 -35.56 2.12 -12.54
CA VAL G 69 -34.42 2.71 -13.21
C VAL G 69 -33.54 1.63 -13.81
N ASP G 70 -33.45 1.60 -15.13
CA ASP G 70 -32.61 0.62 -15.82
C ASP G 70 -31.22 1.19 -16.03
N PHE G 71 -30.31 0.38 -16.54
CA PHE G 71 -28.94 0.81 -16.60
C PHE G 71 -28.77 2.05 -17.47
N GLN G 72 -29.53 2.11 -18.56
CA GLN G 72 -29.43 3.21 -19.49
C GLN G 72 -29.89 4.49 -18.83
N GLU G 73 -30.92 4.39 -18.00
CA GLU G 73 -31.40 5.55 -17.28
C GLU G 73 -30.41 5.91 -16.18
N TYR G 74 -29.72 4.92 -15.67
CA TYR G 74 -28.66 5.12 -14.69
C TYR G 74 -27.46 5.87 -15.28
N CYS G 75 -27.05 5.51 -16.49
CA CYS G 75 -25.98 6.23 -17.19
C CYS G 75 -26.33 7.72 -17.41
N VAL G 76 -27.57 7.97 -17.80
CA VAL G 76 -28.00 9.33 -18.05
C VAL G 76 -27.85 10.12 -16.76
N PHE G 77 -28.34 9.54 -15.67
CA PHE G 77 -28.22 10.17 -14.37
C PHE G 77 -26.77 10.48 -14.01
N LEU G 78 -25.88 9.52 -14.19
CA LEU G 78 -24.48 9.74 -13.88
C LEU G 78 -23.83 10.81 -14.76
N SER G 79 -24.17 10.77 -16.05
CA SER G 79 -23.72 11.78 -17.00
C SER G 79 -24.16 13.16 -16.54
N CYS G 80 -25.36 13.19 -15.98
CA CYS G 80 -25.90 14.44 -15.51
C CYS G 80 -25.05 14.98 -14.39
N ILE G 81 -24.69 14.13 -13.43
CA ILE G 81 -23.81 14.55 -12.35
C ILE G 81 -22.46 15.01 -12.90
N ALA G 82 -21.92 14.25 -13.85
CA ALA G 82 -20.67 14.61 -14.50
C ALA G 82 -20.76 16.03 -15.11
N MET G 83 -21.87 16.31 -15.79
CA MET G 83 -22.09 17.62 -16.40
C MET G 83 -21.93 18.69 -15.36
N MET G 84 -22.41 18.36 -14.17
CA MET G 84 -22.50 19.30 -13.07
C MET G 84 -21.09 19.61 -12.62
N CYS G 85 -20.33 18.54 -12.41
CA CYS G 85 -18.94 18.65 -11.99
C CYS G 85 -18.11 19.45 -13.01
N ASN G 86 -18.41 19.22 -14.29
CA ASN G 86 -17.69 19.86 -15.37
C ASN G 86 -17.81 21.37 -15.33
N GLU G 87 -18.96 21.86 -14.89
CA GLU G 87 -19.18 23.30 -14.78
C GLU G 87 -18.11 23.96 -13.92
N PHE G 88 -17.63 23.23 -12.91
CA PHE G 88 -16.59 23.74 -12.04
C PHE G 88 -15.31 24.07 -12.81
N PHE G 89 -14.90 23.15 -13.68
CA PHE G 89 -13.68 23.35 -14.47
C PHE G 89 -13.90 24.46 -15.46
N GLU G 90 -15.14 24.61 -15.88
CA GLU G 90 -15.57 25.68 -16.79
C GLU G 90 -16.03 26.96 -16.04
N ALA H 1 -12.97 7.03 -0.36
CA ALA H 1 -14.08 7.31 0.60
C ALA H 1 -15.36 6.64 0.10
N CYS H 2 -15.80 7.11 -1.06
CA CYS H 2 -16.88 6.55 -1.83
C CYS H 2 -16.32 6.21 -3.21
N PRO H 3 -16.15 4.92 -3.50
CA PRO H 3 -15.56 4.59 -4.78
C PRO H 3 -16.32 5.28 -5.91
N LEU H 4 -17.64 5.32 -5.81
CA LEU H 4 -18.44 5.85 -6.91
C LEU H 4 -18.28 7.36 -7.10
N GLU H 5 -18.18 8.12 -6.03
CA GLU H 5 -17.94 9.54 -6.16
C GLU H 5 -16.53 9.75 -6.70
N LYS H 6 -15.58 8.96 -6.22
CA LYS H 6 -14.22 9.07 -6.73
C LYS H 6 -14.15 8.71 -8.20
N ALA H 7 -14.95 7.72 -8.62
CA ALA H 7 -15.02 7.35 -10.02
C ALA H 7 -15.47 8.54 -10.87
N LEU H 8 -16.53 9.24 -10.44
CA LEU H 8 -17.02 10.38 -11.20
C LEU H 8 -15.94 11.47 -11.27
N ASP H 9 -15.22 11.64 -10.18
CA ASP H 9 -14.09 12.54 -10.18
C ASP H 9 -13.12 12.14 -11.29
N VAL H 10 -12.73 10.87 -11.30
CA VAL H 10 -11.74 10.42 -12.25
C VAL H 10 -12.26 10.64 -13.68
N MET H 11 -13.55 10.49 -13.88
CA MET H 11 -14.11 10.63 -15.22
C MET H 11 -14.04 12.06 -15.73
N VAL H 12 -14.32 13.00 -14.84
CA VAL H 12 -14.38 14.43 -15.16
C VAL H 12 -12.98 15.01 -15.24
N SER H 13 -12.14 14.67 -14.26
CA SER H 13 -10.77 15.15 -14.22
C SER H 13 -9.95 14.69 -15.42
N THR H 14 -10.07 13.42 -15.78
CA THR H 14 -9.31 12.88 -16.90
C THR H 14 -9.61 13.66 -18.16
N PHE H 15 -10.88 13.99 -18.38
CA PHE H 15 -11.25 14.72 -19.58
C PHE H 15 -10.47 16.02 -19.66
N HIS H 16 -10.40 16.75 -18.56
CA HIS H 16 -9.73 18.04 -18.55
C HIS H 16 -8.21 17.94 -18.52
N LYS H 17 -7.69 16.78 -18.11
CA LYS H 17 -6.26 16.59 -18.10
C LYS H 17 -5.70 16.63 -19.52
N TYR H 18 -6.54 16.28 -20.48
CA TYR H 18 -6.07 16.18 -21.85
C TYR H 18 -6.60 17.28 -22.77
N SER H 19 -7.80 17.79 -22.47
CA SER H 19 -8.46 18.81 -23.28
C SER H 19 -7.79 20.18 -23.20
N GLY H 20 -7.23 20.50 -22.04
CA GLY H 20 -6.60 21.78 -21.82
C GLY H 20 -5.18 21.87 -22.31
N LYS H 21 -4.71 20.85 -23.01
CA LYS H 21 -3.32 20.86 -23.49
C LYS H 21 -3.11 21.79 -24.67
N GLU H 22 -4.00 21.73 -25.67
CA GLU H 22 -3.90 22.57 -26.85
C GLU H 22 -5.24 23.17 -27.24
N GLY H 23 -5.21 24.22 -28.06
CA GLY H 23 -6.43 24.76 -28.64
C GLY H 23 -7.47 25.05 -27.59
N ASP H 24 -8.73 24.72 -27.90
CA ASP H 24 -9.81 24.89 -26.93
C ASP H 24 -9.48 24.10 -25.68
N LYS H 25 -9.49 24.77 -24.54
CA LYS H 25 -9.13 24.14 -23.28
C LYS H 25 -10.23 23.21 -22.79
N PHE H 26 -11.40 23.34 -23.39
CA PHE H 26 -12.54 22.51 -22.96
C PHE H 26 -13.03 21.51 -24.00
N LYS H 27 -12.21 21.19 -24.99
CA LYS H 27 -12.58 20.18 -25.96
C LYS H 27 -11.34 19.38 -26.35
N LEU H 28 -11.55 18.16 -26.83
CA LEU H 28 -10.43 17.30 -27.20
C LEU H 28 -10.24 17.27 -28.70
N ASN H 29 -9.07 17.70 -29.18
CA ASN H 29 -8.79 17.58 -30.60
C ASN H 29 -8.26 16.17 -30.91
N LYS H 30 -8.17 15.83 -32.17
CA LYS H 30 -7.72 14.51 -32.60
C LYS H 30 -6.54 14.07 -31.74
N SER H 31 -5.54 14.94 -31.65
CA SER H 31 -4.32 14.63 -30.93
C SER H 31 -4.56 14.34 -29.44
N GLU H 32 -5.29 15.23 -28.76
CA GLU H 32 -5.52 15.04 -27.33
C GLU H 32 -6.41 13.82 -27.04
N LEU H 33 -7.37 13.55 -27.92
CA LEU H 33 -8.17 12.35 -27.80
C LEU H 33 -7.29 11.11 -27.97
N LYS H 34 -6.30 11.20 -28.84
CA LYS H 34 -5.40 10.06 -29.04
C LYS H 34 -4.59 9.77 -27.78
N GLU H 35 -4.14 10.80 -27.10
CA GLU H 35 -3.41 10.59 -25.85
C GLU H 35 -4.31 9.96 -24.82
N LEU H 36 -5.48 10.55 -24.59
CA LEU H 36 -6.40 10.07 -23.59
C LEU H 36 -6.72 8.59 -23.80
N LEU H 37 -7.11 8.23 -25.01
CA LEU H 37 -7.44 6.84 -25.27
C LEU H 37 -6.23 5.93 -25.04
N THR H 38 -5.08 6.35 -25.53
CA THR H 38 -3.88 5.52 -25.44
C THR H 38 -3.46 5.33 -23.98
N ARG H 39 -3.38 6.43 -23.25
CA ARG H 39 -2.91 6.42 -21.87
C ARG H 39 -3.95 6.03 -20.85
N GLU H 40 -5.24 6.23 -21.16
CA GLU H 40 -6.28 6.10 -20.14
C GLU H 40 -7.30 5.01 -20.41
N LEU H 41 -7.37 4.54 -21.65
CA LEU H 41 -8.33 3.51 -22.03
C LEU H 41 -7.68 2.52 -22.99
N PRO H 42 -6.52 1.98 -22.60
CA PRO H 42 -5.77 1.12 -23.49
C PRO H 42 -6.52 -0.14 -23.83
N SER H 43 -7.41 -0.58 -22.95
CA SER H 43 -8.16 -1.80 -23.18
C SER H 43 -9.14 -1.62 -24.32
N PHE H 44 -9.68 -0.42 -24.44
CA PHE H 44 -10.68 -0.15 -25.45
C PHE H 44 -10.05 -0.13 -26.83
N LEU H 45 -8.96 0.60 -26.97
CA LEU H 45 -8.31 0.70 -28.26
C LEU H 45 -7.57 -0.57 -28.64
N GLY H 46 -7.19 -1.36 -27.65
CA GLY H 46 -6.15 -2.35 -27.89
C GLY H 46 -4.87 -1.59 -28.22
N LYS H 47 -4.02 -2.17 -29.06
CA LYS H 47 -2.68 -1.64 -29.26
C LYS H 47 -2.35 -1.13 -30.67
N ARG H 48 -1.88 0.11 -30.73
CA ARG H 48 -1.33 0.69 -31.95
C ARG H 48 -2.29 0.57 -33.13
N THR H 49 -3.45 1.20 -33.01
CA THR H 49 -4.46 1.15 -34.07
C THR H 49 -3.99 2.01 -35.24
N ASP H 50 -4.43 1.65 -36.44
CA ASP H 50 -4.17 2.47 -37.61
C ASP H 50 -4.85 3.82 -37.45
N GLU H 51 -4.33 4.81 -38.15
CA GLU H 51 -4.89 6.16 -38.10
C GLU H 51 -6.34 6.18 -38.59
N ALA H 52 -6.71 5.20 -39.42
CA ALA H 52 -8.06 5.13 -39.99
C ALA H 52 -9.11 4.76 -38.94
N ALA H 53 -8.79 3.77 -38.10
CA ALA H 53 -9.69 3.38 -37.02
C ALA H 53 -9.89 4.53 -36.03
N PHE H 54 -8.83 5.31 -35.82
CA PHE H 54 -8.91 6.52 -34.99
C PHE H 54 -9.89 7.52 -35.59
N GLN H 55 -9.78 7.71 -36.90
CA GLN H 55 -10.62 8.67 -37.61
C GLN H 55 -12.08 8.25 -37.52
N LYS H 56 -12.36 6.97 -37.76
CA LYS H 56 -13.71 6.43 -37.62
C LYS H 56 -14.26 6.71 -36.22
N LEU H 57 -13.42 6.54 -35.20
CA LEU H 57 -13.81 6.83 -33.82
C LEU H 57 -14.04 8.31 -33.59
N MET H 58 -13.10 9.14 -34.01
CA MET H 58 -13.22 10.59 -33.88
C MET H 58 -14.51 11.05 -34.52
N SER H 59 -14.83 10.42 -35.64
CA SER H 59 -16.03 10.74 -36.38
C SER H 59 -17.24 10.39 -35.54
N ASN H 60 -17.25 9.17 -34.99
CA ASN H 60 -18.37 8.69 -34.19
C ASN H 60 -18.66 9.51 -32.94
N LEU H 61 -17.63 10.02 -32.30
CA LEU H 61 -17.80 10.73 -31.05
C LEU H 61 -18.19 12.17 -31.29
N ASP H 62 -17.76 12.74 -32.41
CA ASP H 62 -18.03 14.14 -32.69
C ASP H 62 -19.37 14.30 -33.40
N SER H 63 -20.43 14.17 -32.63
CA SER H 63 -21.78 14.19 -33.18
C SER H 63 -22.16 15.56 -33.74
N ASN H 64 -21.63 16.63 -33.17
CA ASN H 64 -21.91 17.98 -33.67
C ASN H 64 -20.94 18.44 -34.76
N ARG H 65 -20.10 17.52 -35.23
CA ARG H 65 -19.23 17.73 -36.38
C ARG H 65 -18.29 18.94 -36.33
N ASP H 66 -17.93 19.43 -35.14
CA ASP H 66 -17.00 20.55 -35.06
C ASP H 66 -15.54 20.10 -34.93
N ASN H 67 -15.27 18.86 -35.33
CA ASN H 67 -13.90 18.31 -35.35
C ASN H 67 -13.24 18.12 -33.98
N GLU H 68 -14.01 18.27 -32.90
CA GLU H 68 -13.47 18.10 -31.56
C GLU H 68 -14.48 17.42 -30.65
N VAL H 69 -14.01 16.81 -29.57
CA VAL H 69 -14.89 16.11 -28.64
C VAL H 69 -15.08 16.96 -27.39
N ASP H 70 -16.30 17.43 -27.15
CA ASP H 70 -16.58 18.20 -25.94
C ASP H 70 -16.97 17.27 -24.81
N PHE H 71 -17.23 17.84 -23.63
CA PHE H 71 -17.45 17.01 -22.46
C PHE H 71 -18.71 16.18 -22.58
N GLN H 72 -19.70 16.73 -23.27
CA GLN H 72 -20.96 16.04 -23.45
C GLN H 72 -20.74 14.84 -24.34
N GLU H 73 -20.00 15.03 -25.43
CA GLU H 73 -19.73 13.95 -26.37
C GLU H 73 -18.87 12.91 -25.69
N TYR H 74 -18.02 13.37 -24.78
CA TYR H 74 -17.18 12.50 -23.98
C TYR H 74 -18.04 11.56 -23.11
N CYS H 75 -19.03 12.12 -22.42
CA CYS H 75 -19.92 11.35 -21.56
C CYS H 75 -20.65 10.29 -22.32
N VAL H 76 -21.14 10.65 -23.49
CA VAL H 76 -21.88 9.70 -24.30
C VAL H 76 -20.96 8.51 -24.60
N PHE H 77 -19.72 8.81 -24.93
CA PHE H 77 -18.72 7.81 -25.22
C PHE H 77 -18.57 6.90 -24.02
N LEU H 78 -18.40 7.48 -22.83
CA LEU H 78 -18.14 6.68 -21.63
C LEU H 78 -19.34 5.80 -21.28
N SER H 79 -20.54 6.36 -21.42
CA SER H 79 -21.77 5.62 -21.23
C SER H 79 -21.83 4.46 -22.20
N CYS H 80 -21.50 4.74 -23.43
CA CYS H 80 -21.41 3.68 -24.41
C CYS H 80 -20.57 2.53 -23.89
N ILE H 81 -19.36 2.83 -23.40
CA ILE H 81 -18.49 1.81 -22.84
C ILE H 81 -19.18 1.08 -21.67
N ALA H 82 -19.73 1.85 -20.75
CA ALA H 82 -20.48 1.27 -19.62
C ALA H 82 -21.51 0.31 -20.15
N MET H 83 -22.29 0.73 -21.16
CA MET H 83 -23.31 -0.13 -21.75
C MET H 83 -22.71 -1.49 -22.08
N MET H 84 -21.59 -1.47 -22.79
CA MET H 84 -20.92 -2.71 -23.18
C MET H 84 -20.66 -3.55 -21.94
N CYS H 85 -20.08 -2.92 -20.92
CA CYS H 85 -19.69 -3.63 -19.71
C CYS H 85 -20.89 -4.30 -19.11
N ASN H 86 -21.99 -3.56 -19.12
CA ASN H 86 -23.23 -3.98 -18.51
C ASN H 86 -23.75 -5.25 -19.13
N GLU H 87 -23.46 -5.44 -20.41
CA GLU H 87 -23.90 -6.65 -21.10
C GLU H 87 -23.29 -7.90 -20.48
N PHE H 88 -22.11 -7.76 -19.89
CA PHE H 88 -21.48 -8.88 -19.23
C PHE H 88 -22.31 -9.35 -18.06
N PHE H 89 -22.81 -8.40 -17.27
CA PHE H 89 -23.61 -8.72 -16.10
C PHE H 89 -24.94 -9.31 -16.46
N GLU H 90 -25.50 -8.85 -17.56
CA GLU H 90 -26.79 -9.32 -18.04
C GLU H 90 -26.62 -10.56 -18.93
N GLY H 91 -25.86 -11.54 -18.41
CA GLY H 91 -25.63 -12.82 -19.07
C GLY H 91 -25.13 -12.80 -20.51
N PHE H 92 -24.83 -11.60 -21.01
CA PHE H 92 -24.41 -11.40 -22.41
C PHE H 92 -25.49 -11.87 -23.39
N PRO H 93 -26.60 -11.13 -23.44
CA PRO H 93 -27.74 -11.52 -24.28
C PRO H 93 -27.55 -11.13 -25.74
N ALA I 1 7.00 -9.01 -8.36
CA ALA I 1 8.01 -9.11 -9.45
C ALA I 1 7.36 -9.76 -10.66
N CYS I 2 6.62 -10.85 -10.44
CA CYS I 2 5.94 -11.49 -11.57
C CYS I 2 4.45 -11.65 -11.41
N PRO I 3 3.68 -10.69 -11.95
CA PRO I 3 2.24 -10.83 -11.83
C PRO I 3 1.79 -12.19 -12.36
N LEU I 4 2.37 -12.67 -13.44
CA LEU I 4 1.89 -13.91 -14.04
C LEU I 4 2.18 -15.17 -13.21
N GLU I 5 3.38 -15.26 -12.66
CA GLU I 5 3.69 -16.33 -11.73
C GLU I 5 2.79 -16.23 -10.50
N LYS I 6 2.60 -15.03 -9.95
CA LYS I 6 1.67 -14.90 -8.86
C LYS I 6 0.26 -15.32 -9.30
N ALA I 7 -0.10 -15.05 -10.56
CA ALA I 7 -1.44 -15.39 -11.00
C ALA I 7 -1.68 -16.92 -10.94
N LEU I 8 -0.71 -17.67 -11.42
CA LEU I 8 -0.78 -19.11 -11.42
C LEU I 8 -0.85 -19.65 -9.98
N ASP I 9 -0.07 -19.05 -9.10
CA ASP I 9 -0.08 -19.40 -7.72
C ASP I 9 -1.49 -19.20 -7.15
N VAL I 10 -2.08 -18.04 -7.37
CA VAL I 10 -3.42 -17.83 -6.85
C VAL I 10 -4.38 -18.86 -7.44
N MET I 11 -4.23 -19.17 -8.72
CA MET I 11 -5.12 -20.13 -9.37
C MET I 11 -5.11 -21.52 -8.69
N VAL I 12 -3.89 -21.97 -8.40
CA VAL I 12 -3.64 -23.29 -7.84
C VAL I 12 -3.98 -23.33 -6.37
N SER I 13 -3.70 -22.25 -5.68
CA SER I 13 -3.90 -22.21 -4.23
C SER I 13 -5.36 -22.12 -3.88
N THR I 14 -6.09 -21.33 -4.65
CA THR I 14 -7.49 -21.12 -4.39
C THR I 14 -8.25 -22.45 -4.48
N PHE I 15 -7.82 -23.30 -5.41
CA PHE I 15 -8.47 -24.57 -5.57
C PHE I 15 -8.40 -25.32 -4.26
N HIS I 16 -7.20 -25.34 -3.69
CA HIS I 16 -6.94 -26.18 -2.55
C HIS I 16 -7.45 -25.56 -1.29
N LYS I 17 -7.65 -24.25 -1.28
CA LYS I 17 -8.21 -23.61 -0.12
C LYS I 17 -9.60 -24.15 0.17
N TYR I 18 -10.30 -24.62 -0.87
CA TYR I 18 -11.71 -25.02 -0.76
C TYR I 18 -11.91 -26.53 -0.91
N SER I 19 -10.96 -27.21 -1.53
CA SER I 19 -11.12 -28.62 -1.83
C SER I 19 -10.83 -29.48 -0.62
N GLY I 20 -9.90 -29.02 0.20
CA GLY I 20 -9.53 -29.74 1.42
C GLY I 20 -10.47 -29.48 2.59
N LYS I 21 -11.59 -28.78 2.37
CA LYS I 21 -12.46 -28.52 3.51
C LYS I 21 -13.14 -29.79 3.99
N GLU I 22 -13.76 -30.53 3.06
CA GLU I 22 -14.47 -31.79 3.38
C GLU I 22 -14.20 -32.92 2.38
N GLY I 23 -14.46 -34.16 2.78
CA GLY I 23 -14.39 -35.28 1.87
C GLY I 23 -12.99 -35.45 1.37
N ASP I 24 -12.87 -35.75 0.06
CA ASP I 24 -11.59 -35.85 -0.63
C ASP I 24 -10.95 -34.47 -0.54
N LYS I 25 -9.75 -34.46 0.00
CA LYS I 25 -9.03 -33.19 0.20
C LYS I 25 -8.57 -32.58 -1.14
N PHE I 26 -8.54 -33.40 -2.21
CA PHE I 26 -8.10 -32.92 -3.52
C PHE I 26 -9.17 -32.74 -4.56
N LYS I 27 -10.44 -32.65 -4.14
CA LYS I 27 -11.53 -32.42 -5.10
C LYS I 27 -12.61 -31.52 -4.49
N LEU I 28 -13.37 -30.84 -5.33
CA LEU I 28 -14.43 -29.95 -4.90
C LEU I 28 -15.79 -30.64 -4.99
N ASN I 29 -16.48 -30.77 -3.86
CA ASN I 29 -17.82 -31.31 -3.92
C ASN I 29 -18.73 -30.14 -4.21
N LYS I 30 -20.01 -30.41 -4.40
CA LYS I 30 -20.97 -29.37 -4.77
C LYS I 30 -20.83 -28.19 -3.83
N SER I 31 -20.73 -28.52 -2.54
CA SER I 31 -20.72 -27.48 -1.51
C SER I 31 -19.46 -26.63 -1.60
N GLU I 32 -18.29 -27.27 -1.64
CA GLU I 32 -17.00 -26.57 -1.82
C GLU I 32 -16.97 -25.76 -3.13
N LEU I 33 -17.55 -26.32 -4.19
CA LEU I 33 -17.58 -25.58 -5.45
C LEU I 33 -18.41 -24.31 -5.31
N LYS I 34 -19.55 -24.40 -4.62
CA LYS I 34 -20.36 -23.22 -4.39
C LYS I 34 -19.64 -22.16 -3.55
N GLU I 35 -18.94 -22.58 -2.50
CA GLU I 35 -18.15 -21.57 -1.78
C GLU I 35 -17.18 -20.82 -2.70
N LEU I 36 -16.28 -21.56 -3.36
CA LEU I 36 -15.27 -21.00 -4.25
C LEU I 36 -15.90 -20.09 -5.28
N LEU I 37 -16.90 -20.57 -6.01
CA LEU I 37 -17.51 -19.67 -6.99
C LEU I 37 -18.04 -18.37 -6.37
N THR I 38 -18.83 -18.49 -5.29
CA THR I 38 -19.42 -17.36 -4.59
C THR I 38 -18.38 -16.40 -4.03
N ARG I 39 -17.36 -16.92 -3.37
CA ARG I 39 -16.37 -16.07 -2.71
C ARG I 39 -15.25 -15.62 -3.63
N GLU I 40 -14.92 -16.41 -4.65
CA GLU I 40 -13.75 -16.13 -5.50
C GLU I 40 -14.09 -15.72 -6.93
N LEU I 41 -15.28 -16.04 -7.41
CA LEU I 41 -15.67 -15.71 -8.78
C LEU I 41 -17.07 -15.10 -8.85
N PRO I 42 -17.34 -14.09 -8.01
CA PRO I 42 -18.67 -13.50 -7.96
C PRO I 42 -19.16 -12.90 -9.30
N SER I 43 -18.24 -12.44 -10.13
CA SER I 43 -18.62 -11.88 -11.44
C SER I 43 -19.18 -12.93 -12.37
N PHE I 44 -18.70 -14.16 -12.23
CA PHE I 44 -19.12 -15.19 -13.14
C PHE I 44 -20.51 -15.66 -12.76
N LEU I 45 -20.74 -15.84 -11.47
CA LEU I 45 -21.96 -16.44 -11.04
C LEU I 45 -23.07 -15.42 -10.98
N GLY I 46 -22.72 -14.15 -10.96
CA GLY I 46 -23.71 -13.16 -10.57
C GLY I 46 -24.17 -13.57 -9.18
N LYS I 47 -25.36 -13.09 -8.80
CA LYS I 47 -25.85 -13.31 -7.43
C LYS I 47 -27.25 -13.94 -7.38
N ARG I 48 -27.55 -14.60 -6.26
CA ARG I 48 -28.85 -15.23 -6.07
C ARG I 48 -29.26 -16.14 -7.24
N THR I 49 -28.34 -16.99 -7.67
CA THR I 49 -28.65 -17.97 -8.72
C THR I 49 -29.34 -19.22 -8.17
N ASP I 50 -30.08 -19.92 -9.03
CA ASP I 50 -30.88 -21.05 -8.60
C ASP I 50 -30.10 -22.36 -8.50
N GLU I 51 -30.38 -23.11 -7.44
CA GLU I 51 -29.85 -24.44 -7.25
C GLU I 51 -29.77 -25.25 -8.58
N ALA I 52 -30.65 -24.93 -9.53
CA ALA I 52 -30.61 -25.64 -10.83
C ALA I 52 -29.47 -25.16 -11.72
N ALA I 53 -29.27 -23.83 -11.76
CA ALA I 53 -28.19 -23.26 -12.54
C ALA I 53 -26.86 -23.80 -12.00
N PHE I 54 -26.78 -23.97 -10.68
CA PHE I 54 -25.59 -24.53 -10.08
C PHE I 54 -25.38 -25.95 -10.52
N GLN I 55 -26.48 -26.71 -10.55
CA GLN I 55 -26.42 -28.11 -10.90
C GLN I 55 -25.93 -28.20 -12.34
N LYS I 56 -26.45 -27.35 -13.21
CA LYS I 56 -26.02 -27.37 -14.61
C LYS I 56 -24.53 -27.12 -14.77
N LEU I 57 -24.01 -26.24 -13.92
CA LEU I 57 -22.61 -25.90 -13.89
C LEU I 57 -21.79 -27.06 -13.35
N MET I 58 -22.19 -27.56 -12.18
CA MET I 58 -21.50 -28.68 -11.57
C MET I 58 -21.45 -29.83 -12.55
N SER I 59 -22.52 -29.94 -13.33
CA SER I 59 -22.65 -31.06 -14.26
C SER I 59 -21.65 -30.84 -15.42
N ASN I 60 -21.59 -29.61 -15.92
CA ASN I 60 -20.68 -29.23 -16.99
C ASN I 60 -19.19 -29.38 -16.67
N LEU I 61 -18.80 -29.14 -15.41
CA LEU I 61 -17.39 -29.20 -15.07
C LEU I 61 -17.00 -30.61 -14.72
N ASP I 62 -17.96 -31.39 -14.22
CA ASP I 62 -17.63 -32.76 -13.79
C ASP I 62 -17.60 -33.73 -14.97
N SER I 63 -16.63 -33.59 -15.85
CA SER I 63 -16.67 -34.34 -17.08
C SER I 63 -16.60 -35.84 -16.83
N ASN I 64 -15.82 -36.29 -15.85
CA ASN I 64 -15.71 -37.73 -15.63
C ASN I 64 -16.87 -38.21 -14.75
N ARG I 65 -17.83 -37.32 -14.52
CA ARG I 65 -19.05 -37.65 -13.76
C ARG I 65 -18.93 -38.33 -12.37
N ASP I 66 -17.90 -38.04 -11.59
CA ASP I 66 -17.80 -38.69 -10.27
C ASP I 66 -18.41 -37.81 -9.16
N ASN I 67 -19.19 -36.82 -9.60
CA ASN I 67 -19.83 -35.85 -8.72
C ASN I 67 -18.92 -34.85 -8.00
N GLU I 68 -17.68 -34.73 -8.44
CA GLU I 68 -16.78 -33.78 -7.83
C GLU I 68 -15.88 -33.14 -8.89
N VAL I 69 -15.34 -31.96 -8.61
CA VAL I 69 -14.51 -31.26 -9.58
C VAL I 69 -13.06 -31.42 -9.19
N ASP I 70 -12.27 -32.09 -10.02
CA ASP I 70 -10.86 -32.23 -9.66
C ASP I 70 -10.01 -31.08 -10.20
N PHE I 71 -8.71 -31.09 -9.92
CA PHE I 71 -7.87 -29.98 -10.35
C PHE I 71 -7.87 -29.81 -11.85
N GLN I 72 -7.94 -30.92 -12.55
CA GLN I 72 -7.88 -30.91 -13.99
C GLN I 72 -9.15 -30.31 -14.55
N GLU I 73 -10.28 -30.72 -13.98
CA GLU I 73 -11.58 -30.19 -14.42
C GLU I 73 -11.64 -28.70 -14.09
N TYR I 74 -10.95 -28.32 -13.03
CA TYR I 74 -10.92 -26.94 -12.60
C TYR I 74 -10.13 -26.08 -13.57
N CYS I 75 -8.96 -26.55 -14.00
CA CYS I 75 -8.19 -25.87 -15.06
C CYS I 75 -8.98 -25.66 -16.34
N VAL I 76 -9.75 -26.66 -16.74
CA VAL I 76 -10.54 -26.53 -17.93
C VAL I 76 -11.54 -25.40 -17.72
N PHE I 77 -12.20 -25.41 -16.59
CA PHE I 77 -13.14 -24.33 -16.26
C PHE I 77 -12.51 -22.91 -16.34
N LEU I 78 -11.33 -22.74 -15.74
CA LEU I 78 -10.70 -21.42 -15.74
C LEU I 78 -10.26 -21.04 -17.16
N SER I 79 -9.73 -22.01 -17.92
CA SER I 79 -9.40 -21.77 -19.31
C SER I 79 -10.62 -21.27 -20.01
N CYS I 80 -11.74 -21.88 -19.70
CA CYS I 80 -12.92 -21.53 -20.38
C CYS I 80 -13.23 -20.08 -20.15
N ILE I 81 -13.18 -19.66 -18.88
CA ILE I 81 -13.37 -18.26 -18.50
C ILE I 81 -12.35 -17.38 -19.19
N ALA I 82 -11.10 -17.84 -19.22
CA ALA I 82 -10.04 -17.13 -19.93
C ALA I 82 -10.41 -16.90 -21.40
N MET I 83 -10.84 -17.96 -22.10
CA MET I 83 -11.34 -17.87 -23.49
C MET I 83 -12.38 -16.76 -23.66
N MET I 84 -13.34 -16.72 -22.77
CA MET I 84 -14.36 -15.69 -22.87
C MET I 84 -13.71 -14.34 -22.77
N CYS I 85 -12.82 -14.19 -21.79
CA CYS I 85 -12.21 -12.89 -21.58
C CYS I 85 -11.48 -12.49 -22.84
N ASN I 86 -10.86 -13.47 -23.50
CA ASN I 86 -10.04 -13.23 -24.65
C ASN I 86 -10.81 -12.66 -25.81
N GLU I 87 -12.09 -13.01 -25.88
CA GLU I 87 -12.96 -12.54 -26.95
C GLU I 87 -13.02 -11.02 -26.93
N PHE I 88 -13.00 -10.44 -25.74
CA PHE I 88 -13.02 -8.98 -25.61
C PHE I 88 -11.86 -8.32 -26.34
N PHE I 89 -10.66 -8.86 -26.16
CA PHE I 89 -9.49 -8.31 -26.85
C PHE I 89 -9.59 -8.52 -28.36
N GLU I 90 -10.21 -9.61 -28.75
CA GLU I 90 -10.39 -9.90 -30.15
C GLU I 90 -11.57 -9.12 -30.73
N GLY I 91 -12.01 -8.11 -29.98
CA GLY I 91 -13.08 -7.19 -30.39
C GLY I 91 -14.46 -7.81 -30.60
N PHE I 92 -14.63 -9.06 -30.17
CA PHE I 92 -15.89 -9.80 -30.39
C PHE I 92 -16.25 -9.71 -31.87
N PRO I 93 -15.39 -10.30 -32.73
CA PRO I 93 -15.29 -10.07 -34.18
C PRO I 93 -16.50 -9.36 -34.81
N ALA J 1 -9.57 -7.81 -3.36
CA ALA J 1 -11.00 -7.95 -3.74
C ALA J 1 -11.25 -9.39 -4.22
N CYS J 2 -10.84 -9.70 -5.45
CA CYS J 2 -10.89 -11.09 -5.87
C CYS J 2 -9.59 -11.49 -6.51
N PRO J 3 -8.64 -11.93 -5.69
CA PRO J 3 -7.40 -12.37 -6.28
C PRO J 3 -7.68 -13.23 -7.52
N LEU J 4 -8.55 -14.22 -7.41
CA LEU J 4 -8.75 -15.13 -8.55
C LEU J 4 -9.19 -14.42 -9.81
N GLU J 5 -10.13 -13.48 -9.68
CA GLU J 5 -10.60 -12.79 -10.87
C GLU J 5 -9.49 -11.91 -11.40
N LYS J 6 -8.67 -11.41 -10.49
CA LYS J 6 -7.56 -10.62 -10.93
C LYS J 6 -6.57 -11.53 -11.61
N ALA J 7 -6.48 -12.76 -11.13
CA ALA J 7 -5.47 -13.68 -11.69
C ALA J 7 -5.84 -14.03 -13.14
N LEU J 8 -7.14 -14.20 -13.40
CA LEU J 8 -7.57 -14.50 -14.75
C LEU J 8 -7.30 -13.32 -15.64
N ASP J 9 -7.36 -12.14 -15.06
CA ASP J 9 -7.15 -10.91 -15.80
C ASP J 9 -5.68 -10.82 -16.20
N VAL J 10 -4.80 -11.02 -15.25
CA VAL J 10 -3.41 -11.03 -15.55
C VAL J 10 -3.05 -12.08 -16.64
N MET J 11 -3.66 -13.28 -16.57
CA MET J 11 -3.32 -14.33 -17.53
C MET J 11 -3.66 -13.91 -18.96
N VAL J 12 -4.81 -13.25 -19.08
CA VAL J 12 -5.39 -12.92 -20.35
C VAL J 12 -4.68 -11.72 -20.92
N SER J 13 -4.49 -10.72 -20.08
CA SER J 13 -3.84 -9.50 -20.50
C SER J 13 -2.38 -9.72 -20.86
N THR J 14 -1.70 -10.55 -20.11
CA THR J 14 -0.29 -10.69 -20.35
C THR J 14 -0.12 -11.23 -21.76
N PHE J 15 -0.99 -12.14 -22.16
CA PHE J 15 -0.87 -12.72 -23.49
C PHE J 15 -0.88 -11.58 -24.50
N HIS J 16 -1.87 -10.70 -24.39
CA HIS J 16 -2.03 -9.64 -25.38
C HIS J 16 -0.94 -8.58 -25.33
N LYS J 17 -0.40 -8.34 -24.15
CA LYS J 17 0.67 -7.41 -24.00
C LYS J 17 1.79 -7.79 -24.97
N TYR J 18 1.99 -9.08 -25.22
CA TYR J 18 3.12 -9.50 -26.07
C TYR J 18 2.72 -9.91 -27.51
N SER J 19 1.50 -10.36 -27.67
CA SER J 19 1.09 -10.92 -28.94
C SER J 19 0.93 -9.82 -29.98
N GLY J 20 0.54 -8.64 -29.50
CA GLY J 20 0.25 -7.51 -30.38
C GLY J 20 1.50 -6.75 -30.81
N LYS J 21 2.67 -7.20 -30.37
CA LYS J 21 3.84 -6.45 -30.73
C LYS J 21 4.14 -6.49 -32.24
N GLU J 22 4.18 -7.69 -32.83
CA GLU J 22 4.53 -7.84 -34.24
C GLU J 22 3.62 -8.83 -34.92
N GLY J 23 3.52 -8.71 -36.24
CA GLY J 23 2.76 -9.66 -37.06
C GLY J 23 1.30 -9.74 -36.65
N ASP J 24 0.80 -10.97 -36.58
CA ASP J 24 -0.53 -11.25 -36.09
C ASP J 24 -0.64 -10.71 -34.65
N LYS J 25 -1.63 -9.85 -34.43
CA LYS J 25 -1.80 -9.20 -33.12
C LYS J 25 -2.31 -10.21 -32.08
N PHE J 26 -2.97 -11.26 -32.56
CA PHE J 26 -3.56 -12.22 -31.63
C PHE J 26 -2.81 -13.52 -31.53
N LYS J 27 -1.55 -13.56 -31.97
CA LYS J 27 -0.71 -14.78 -31.76
C LYS J 27 0.74 -14.42 -31.40
N LEU J 28 1.42 -15.32 -30.74
CA LEU J 28 2.77 -15.10 -30.32
C LEU J 28 3.73 -15.73 -31.33
N ASN J 29 4.67 -14.96 -31.87
CA ASN J 29 5.67 -15.59 -32.69
C ASN J 29 6.83 -15.92 -31.77
N LYS J 30 7.84 -16.61 -32.30
CA LYS J 30 8.93 -17.09 -31.47
C LYS J 30 9.51 -15.96 -30.63
N SER J 31 9.58 -14.79 -31.24
CA SER J 31 10.25 -13.69 -30.59
C SER J 31 9.38 -13.18 -29.43
N GLU J 32 8.09 -12.98 -29.70
CA GLU J 32 7.21 -12.48 -28.67
C GLU J 32 7.10 -13.52 -27.54
N LEU J 33 7.24 -14.80 -27.86
CA LEU J 33 7.09 -15.84 -26.86
C LEU J 33 8.29 -15.82 -25.98
N LYS J 34 9.45 -15.57 -26.58
CA LYS J 34 10.68 -15.50 -25.82
C LYS J 34 10.60 -14.33 -24.85
N GLU J 35 10.05 -13.21 -25.30
CA GLU J 35 9.93 -12.10 -24.37
C GLU J 35 9.06 -12.47 -23.19
N LEU J 36 7.89 -13.07 -23.48
CA LEU J 36 6.91 -13.33 -22.43
C LEU J 36 7.49 -14.29 -21.41
N LEU J 37 8.10 -15.37 -21.90
CA LEU J 37 8.69 -16.32 -20.98
C LEU J 37 9.77 -15.66 -20.14
N THR J 38 10.66 -14.90 -20.77
CA THR J 38 11.79 -14.30 -20.05
C THR J 38 11.32 -13.28 -19.00
N ARG J 39 10.42 -12.39 -19.38
CA ARG J 39 9.99 -11.34 -18.47
C ARG J 39 8.86 -11.76 -17.53
N GLU J 40 8.05 -12.74 -17.92
CA GLU J 40 6.84 -13.00 -17.15
C GLU J 40 6.88 -14.34 -16.44
N LEU J 41 7.70 -15.28 -16.92
CA LEU J 41 7.79 -16.58 -16.28
C LEU J 41 9.21 -17.04 -16.03
N PRO J 42 10.05 -16.16 -15.49
CA PRO J 42 11.48 -16.46 -15.35
C PRO J 42 11.74 -17.71 -14.51
N SER J 43 10.80 -18.13 -13.68
CA SER J 43 11.03 -19.30 -12.84
C SER J 43 10.90 -20.56 -13.67
N PHE J 44 10.10 -20.50 -14.72
CA PHE J 44 9.90 -21.68 -15.55
C PHE J 44 11.17 -21.90 -16.40
N LEU J 45 11.68 -20.86 -17.03
CA LEU J 45 12.81 -21.09 -17.90
C LEU J 45 14.15 -20.92 -17.21
N THR J 49 16.78 -20.35 -21.91
CA THR J 49 17.55 -19.20 -22.41
C THR J 49 18.37 -19.55 -23.67
N ASP J 50 19.00 -20.72 -23.67
CA ASP J 50 19.64 -21.25 -24.89
C ASP J 50 18.58 -21.56 -25.96
N GLU J 51 18.96 -21.38 -27.23
CA GLU J 51 18.00 -21.41 -28.35
C GLU J 51 17.27 -22.75 -28.53
N ALA J 52 18.01 -23.86 -28.43
CA ALA J 52 17.43 -25.17 -28.76
C ALA J 52 16.25 -25.47 -27.84
N ALA J 53 16.47 -25.37 -26.53
CA ALA J 53 15.39 -25.57 -25.56
C ALA J 53 14.18 -24.64 -25.78
N PHE J 54 14.42 -23.44 -26.32
CA PHE J 54 13.32 -22.58 -26.72
C PHE J 54 12.56 -23.24 -27.87
N GLN J 55 13.30 -23.78 -28.84
CA GLN J 55 12.70 -24.36 -30.03
C GLN J 55 11.84 -25.55 -29.57
N LYS J 56 12.37 -26.31 -28.61
CA LYS J 56 11.65 -27.49 -28.17
C LYS J 56 10.32 -27.07 -27.55
N LEU J 57 10.36 -25.92 -26.89
CA LEU J 57 9.18 -25.42 -26.23
C LEU J 57 8.20 -24.91 -27.26
N MET J 58 8.70 -24.08 -28.16
CA MET J 58 7.87 -23.52 -29.22
C MET J 58 7.24 -24.67 -29.99
N SER J 59 7.98 -25.76 -30.10
CA SER J 59 7.48 -26.90 -30.84
C SER J 59 6.32 -27.56 -30.14
N ASN J 60 6.51 -27.83 -28.85
CA ASN J 60 5.47 -28.38 -27.97
C ASN J 60 4.20 -27.54 -27.90
N LEU J 61 4.35 -26.22 -27.85
CA LEU J 61 3.17 -25.40 -27.61
C LEU J 61 2.35 -25.28 -28.90
N ASP J 62 3.04 -25.26 -30.02
CA ASP J 62 2.39 -24.97 -31.29
C ASP J 62 1.76 -26.23 -31.88
N SER J 63 0.62 -26.62 -31.32
CA SER J 63 0.10 -27.94 -31.63
C SER J 63 -0.60 -27.96 -32.98
N ASN J 64 -1.07 -26.82 -33.49
CA ASN J 64 -1.63 -26.81 -34.84
C ASN J 64 -0.58 -26.45 -35.89
N ARG J 65 0.67 -26.35 -35.45
CA ARG J 65 1.81 -26.18 -36.31
C ARG J 65 1.72 -25.06 -37.32
N ASP J 66 1.22 -23.89 -36.90
CA ASP J 66 1.31 -22.73 -37.79
C ASP J 66 2.46 -21.79 -37.40
N ASN J 67 3.48 -22.32 -36.74
CA ASN J 67 4.61 -21.51 -36.29
C ASN J 67 4.35 -20.40 -35.27
N GLU J 68 3.13 -20.33 -34.73
CA GLU J 68 2.84 -19.35 -33.70
C GLU J 68 1.94 -19.89 -32.55
N VAL J 69 1.89 -19.16 -31.45
CA VAL J 69 1.16 -19.61 -30.26
C VAL J 69 -0.11 -18.81 -30.07
N ASP J 70 -1.26 -19.41 -30.33
CA ASP J 70 -2.49 -18.66 -30.16
C ASP J 70 -2.94 -18.71 -28.72
N PHE J 71 -4.03 -18.02 -28.40
CA PHE J 71 -4.46 -17.94 -27.04
C PHE J 71 -4.77 -19.32 -26.46
N GLN J 72 -5.40 -20.15 -27.27
CA GLN J 72 -5.76 -21.50 -26.80
C GLN J 72 -4.50 -22.26 -26.47
N GLU J 73 -3.52 -22.22 -27.36
CA GLU J 73 -2.30 -22.96 -27.11
C GLU J 73 -1.59 -22.38 -25.90
N TYR J 74 -1.84 -21.10 -25.60
CA TYR J 74 -1.33 -20.46 -24.39
C TYR J 74 -2.01 -21.01 -23.15
N CYS J 75 -3.35 -20.98 -23.10
CA CYS J 75 -4.08 -21.63 -21.99
C CYS J 75 -3.59 -23.05 -21.65
N VAL J 76 -3.27 -23.84 -22.68
CA VAL J 76 -2.88 -25.22 -22.44
C VAL J 76 -1.54 -25.13 -21.73
N PHE J 77 -0.67 -24.32 -22.27
CA PHE J 77 0.62 -24.13 -21.64
C PHE J 77 0.47 -23.74 -20.14
N LEU J 78 -0.37 -22.77 -19.84
CA LEU J 78 -0.52 -22.30 -18.49
C LEU J 78 -1.10 -23.38 -17.60
N SER J 79 -2.12 -24.09 -18.11
CA SER J 79 -2.73 -25.22 -17.39
C SER J 79 -1.68 -26.25 -17.05
N CYS J 80 -0.81 -26.51 -18.00
CA CYS J 80 0.25 -27.45 -17.79
C CYS J 80 1.14 -27.03 -16.65
N ILE J 81 1.50 -25.76 -16.59
CA ILE J 81 2.25 -25.25 -15.44
C ILE J 81 1.47 -25.44 -14.13
N ALA J 82 0.19 -25.04 -14.13
CA ALA J 82 -0.69 -25.26 -12.97
C ALA J 82 -0.64 -26.73 -12.51
N MET J 83 -0.81 -27.64 -13.47
CA MET J 83 -0.68 -29.06 -13.20
C MET J 83 0.59 -29.39 -12.42
N MET J 84 1.75 -28.89 -12.88
CA MET J 84 3.02 -29.08 -12.17
C MET J 84 2.95 -28.62 -10.74
N CYS J 85 2.57 -27.35 -10.57
CA CYS J 85 2.38 -26.73 -9.25
C CYS J 85 1.48 -27.59 -8.36
N ASN J 86 0.40 -28.11 -8.93
CA ASN J 86 -0.57 -28.89 -8.20
C ASN J 86 0.04 -30.12 -7.58
N GLU J 87 1.03 -30.67 -8.25
CA GLU J 87 1.69 -31.86 -7.75
C GLU J 87 2.29 -31.61 -6.37
N PHE J 88 2.75 -30.39 -6.14
CA PHE J 88 3.26 -30.02 -4.82
C PHE J 88 2.19 -30.20 -3.75
N PHE J 89 0.97 -29.77 -4.02
CA PHE J 89 -0.08 -29.91 -3.02
C PHE J 89 -0.50 -31.36 -2.89
N GLU J 90 -0.55 -32.02 -4.03
CA GLU J 90 -1.10 -33.35 -4.13
C GLU J 90 -0.06 -34.32 -3.61
N GLY J 91 0.85 -33.81 -2.77
CA GLY J 91 1.89 -34.63 -2.18
C GLY J 91 2.17 -35.90 -2.98
N PHE J 92 2.48 -35.71 -4.27
CA PHE J 92 2.81 -36.80 -5.22
C PHE J 92 1.85 -37.98 -5.18
#